data_8IA1
#
_entry.id   8IA1
#
_cell.length_a   51.093
_cell.length_b   81.553
_cell.length_c   88.489
_cell.angle_alpha   110.847
_cell.angle_beta   106.790
_cell.angle_gamma   99.932
#
_symmetry.space_group_name_H-M   'P 1'
#
loop_
_entity.id
_entity.type
_entity.pdbx_description
1 polymer 'Glycerol-3-phosphate acyltransferase, chloroplastic'
2 water water
#
_entity_poly.entity_id   1
_entity_poly.type   'polypeptide(L)'
_entity_poly.pdbx_seq_one_letter_code
;MAQVVRQKFKDVTTEQEFFAVLQDEIAQGHVPKLLMPAFQDFYNNYKTAVLGSGVPGADEALVAKIMSAIADRSVHEFVE
PYTFPSFHHRILEPYNYYQFGQNYVRTLLDFSKSVVGHLARFDEIEQQIAAGENVVLLANHQTEADPGVFALLLEHTHPR
LATDVIYVAGDRVVTDPLCKPFSMGRNLFCVHSKKRLDDIPELKASKVATNRRTLSAMTKALNEGGRLLWIAPSGGRDRP
QADTGAWHPDKFDPTAVELMRQLLSRSAPKGHLYPFAMYSWELMPPPKGVEKGLGERRLTHFAGTGISVCKELDVDSIVS
SAAVEDKATRQQLLATAAWQAVSDEYAILEEVIGSEDARRQRSDVYQQPWAQ
;
_entity_poly.pdbx_strand_id   A,B,C
#
# COMPACT_ATOMS: atom_id res chain seq x y z
N MET A 1 -32.24 -10.33 -31.00
CA MET A 1 -33.20 -10.38 -29.88
C MET A 1 -34.57 -9.75 -30.22
N ALA A 2 -34.77 -9.34 -31.48
CA ALA A 2 -35.99 -8.62 -31.81
C ALA A 2 -37.23 -9.50 -31.74
N GLN A 3 -37.09 -10.80 -31.89
CA GLN A 3 -38.23 -11.69 -31.93
C GLN A 3 -38.69 -12.16 -30.54
N VAL A 4 -38.05 -11.70 -29.48
CA VAL A 4 -38.29 -12.26 -28.15
C VAL A 4 -39.30 -11.40 -27.40
N VAL A 5 -40.35 -12.05 -26.92
CA VAL A 5 -41.40 -11.37 -26.17
C VAL A 5 -40.99 -11.24 -24.71
N ARG A 6 -41.17 -10.05 -24.15
CA ARG A 6 -40.64 -9.73 -22.83
C ARG A 6 -41.47 -8.59 -22.23
N GLN A 7 -41.57 -8.59 -20.91
CA GLN A 7 -42.15 -7.44 -20.24
C GLN A 7 -41.20 -6.95 -19.16
N LYS A 8 -41.49 -7.30 -17.90
CA LYS A 8 -40.65 -6.94 -16.77
C LYS A 8 -39.95 -8.18 -16.25
N PHE A 9 -38.98 -7.95 -15.36
CA PHE A 9 -38.23 -9.08 -14.82
C PHE A 9 -39.11 -10.04 -14.04
N LYS A 10 -40.16 -9.53 -13.39
CA LYS A 10 -41.07 -10.39 -12.63
C LYS A 10 -41.75 -11.44 -13.50
N ASP A 11 -41.82 -11.23 -14.81
CA ASP A 11 -42.48 -12.16 -15.73
C ASP A 11 -41.50 -13.10 -16.41
N VAL A 12 -40.20 -12.95 -16.17
CA VAL A 12 -39.18 -13.68 -16.91
C VAL A 12 -39.13 -15.13 -16.47
N THR A 13 -39.10 -16.04 -17.44
CA THR A 13 -38.97 -17.47 -17.18
C THR A 13 -37.74 -18.11 -17.81
N THR A 14 -37.11 -17.49 -18.80
CA THR A 14 -36.01 -18.09 -19.52
C THR A 14 -34.83 -17.13 -19.53
N GLU A 15 -33.62 -17.69 -19.73
CA GLU A 15 -32.44 -16.84 -19.86
C GLU A 15 -32.60 -15.84 -21.00
N GLN A 16 -33.24 -16.25 -22.11
CA GLN A 16 -33.37 -15.36 -23.25
C GLN A 16 -34.25 -14.15 -22.90
N GLU A 17 -35.36 -14.40 -22.21
CA GLU A 17 -36.20 -13.29 -21.80
C GLU A 17 -35.47 -12.39 -20.81
N PHE A 18 -34.66 -12.98 -19.93
CA PHE A 18 -33.92 -12.18 -18.95
C PHE A 18 -33.09 -11.11 -19.63
N PHE A 19 -32.28 -11.48 -20.62
CA PHE A 19 -31.39 -10.46 -21.20
C PHE A 19 -32.13 -9.49 -22.10
N ALA A 20 -33.27 -9.90 -22.66
CA ALA A 20 -34.09 -8.99 -23.46
C ALA A 20 -34.71 -7.90 -22.59
N VAL A 21 -35.23 -8.29 -21.42
CA VAL A 21 -35.71 -7.31 -20.45
C VAL A 21 -34.58 -6.39 -20.01
N LEU A 22 -33.42 -6.97 -19.69
CA LEU A 22 -32.25 -6.16 -19.32
C LEU A 22 -31.89 -5.18 -20.42
N GLN A 23 -31.93 -5.63 -21.67
CA GLN A 23 -31.69 -4.74 -22.81
C GLN A 23 -32.68 -3.57 -22.79
N ASP A 24 -33.98 -3.87 -22.61
CA ASP A 24 -35.00 -2.83 -22.57
C ASP A 24 -34.72 -1.81 -21.47
N GLU A 25 -34.51 -2.29 -20.24
CA GLU A 25 -34.24 -1.40 -19.11
C GLU A 25 -33.05 -0.49 -19.38
N ILE A 26 -32.04 -1.01 -20.06
CA ILE A 26 -30.89 -0.16 -20.41
C ILE A 26 -31.30 0.90 -21.43
N ALA A 27 -32.03 0.50 -22.48
CA ALA A 27 -32.41 1.46 -23.51
C ALA A 27 -33.29 2.56 -22.94
N GLN A 28 -34.15 2.21 -22.00
CA GLN A 28 -35.01 3.20 -21.38
C GLN A 28 -34.30 4.05 -20.33
N GLY A 29 -32.98 3.89 -20.18
CA GLY A 29 -32.26 4.69 -19.22
C GLY A 29 -32.51 4.32 -17.77
N HIS A 30 -33.18 3.20 -17.49
CA HIS A 30 -33.42 2.80 -16.10
C HIS A 30 -32.15 2.31 -15.42
N VAL A 31 -31.26 1.61 -16.14
CA VAL A 31 -30.04 1.09 -15.53
C VAL A 31 -28.85 1.40 -16.47
N PRO A 32 -27.65 1.47 -15.91
CA PRO A 32 -26.49 1.83 -16.76
C PRO A 32 -26.13 0.69 -17.70
N LYS A 33 -25.49 1.04 -18.82
CA LYS A 33 -25.17 0.04 -19.84
C LYS A 33 -24.20 -1.02 -19.31
N LEU A 34 -23.31 -0.66 -18.38
CA LEU A 34 -22.35 -1.63 -17.86
C LEU A 34 -23.03 -2.84 -17.22
N LEU A 35 -24.32 -2.75 -16.87
CA LEU A 35 -24.99 -3.88 -16.22
C LEU A 35 -25.14 -5.09 -17.14
N MET A 36 -25.12 -4.87 -18.46
CA MET A 36 -25.21 -6.01 -19.39
C MET A 36 -24.01 -6.93 -19.27
N PRO A 37 -22.76 -6.47 -19.44
CA PRO A 37 -21.62 -7.40 -19.25
C PRO A 37 -21.54 -7.95 -17.85
N ALA A 38 -21.88 -7.14 -16.84
CA ALA A 38 -21.88 -7.63 -15.46
C ALA A 38 -22.87 -8.79 -15.29
N PHE A 39 -24.12 -8.60 -15.75
CA PHE A 39 -25.10 -9.69 -15.62
C PHE A 39 -24.81 -10.83 -16.60
N GLN A 40 -24.17 -10.56 -17.74
CA GLN A 40 -23.78 -11.66 -18.61
C GLN A 40 -22.78 -12.57 -17.88
N ASP A 41 -21.79 -11.98 -17.24
CA ASP A 41 -20.83 -12.76 -16.49
C ASP A 41 -21.49 -13.42 -15.28
N PHE A 42 -22.26 -12.65 -14.52
CA PHE A 42 -22.92 -13.19 -13.33
C PHE A 42 -23.87 -14.33 -13.69
N TYR A 43 -24.67 -14.16 -14.74
CA TYR A 43 -25.60 -15.22 -15.13
C TYR A 43 -24.86 -16.50 -15.46
N ASN A 44 -23.71 -16.37 -16.11
CA ASN A 44 -22.98 -17.56 -16.56
C ASN A 44 -22.35 -18.32 -15.39
N ASN A 45 -21.72 -17.61 -14.43
CA ASN A 45 -21.17 -18.27 -13.26
C ASN A 45 -22.26 -18.90 -12.42
N TYR A 46 -23.37 -18.20 -12.27
CA TYR A 46 -24.43 -18.70 -11.39
C TYR A 46 -25.16 -19.87 -12.02
N LYS A 47 -25.42 -19.79 -13.34
CA LYS A 47 -26.00 -20.91 -14.07
C LYS A 47 -25.15 -22.17 -13.88
N THR A 48 -23.84 -22.05 -14.04
CA THR A 48 -22.96 -23.21 -13.91
C THR A 48 -23.05 -23.84 -12.53
N ALA A 49 -22.91 -23.03 -11.47
CA ALA A 49 -22.98 -23.57 -10.11
C ALA A 49 -24.31 -24.29 -9.84
N VAL A 50 -25.42 -23.67 -10.22
CA VAL A 50 -26.72 -24.22 -9.90
C VAL A 50 -26.96 -25.53 -10.65
N LEU A 51 -26.75 -25.52 -11.97
CA LEU A 51 -27.03 -26.72 -12.75
C LEU A 51 -26.11 -27.87 -12.36
N GLY A 52 -24.87 -27.56 -11.95
CA GLY A 52 -23.96 -28.60 -11.49
C GLY A 52 -24.19 -29.09 -10.08
N SER A 53 -25.07 -28.44 -9.33
CA SER A 53 -25.23 -28.76 -7.91
C SER A 53 -25.84 -30.14 -7.70
N GLY A 54 -26.71 -30.58 -8.62
CA GLY A 54 -27.43 -31.82 -8.43
C GLY A 54 -28.60 -31.73 -7.47
N VAL A 55 -29.06 -30.54 -7.16
CA VAL A 55 -30.11 -30.39 -6.18
C VAL A 55 -31.44 -30.58 -6.90
N PRO A 56 -32.46 -31.18 -6.27
CA PRO A 56 -33.76 -31.31 -6.94
C PRO A 56 -34.38 -29.94 -7.18
N GLY A 57 -34.83 -29.72 -8.40
CA GLY A 57 -35.37 -28.44 -8.80
C GLY A 57 -34.35 -27.44 -9.32
N ALA A 58 -33.06 -27.73 -9.17
CA ALA A 58 -32.04 -26.75 -9.56
C ALA A 58 -31.81 -26.90 -11.06
N ASP A 59 -32.71 -26.29 -11.83
CA ASP A 59 -32.75 -26.37 -13.29
C ASP A 59 -32.71 -24.95 -13.88
N GLU A 60 -32.81 -24.87 -15.20
CA GLU A 60 -32.66 -23.59 -15.90
C GLU A 60 -33.73 -22.60 -15.47
N ALA A 61 -34.95 -23.07 -15.22
CA ALA A 61 -36.03 -22.18 -14.82
C ALA A 61 -35.79 -21.61 -13.43
N LEU A 62 -35.21 -22.39 -12.52
CA LEU A 62 -34.85 -21.83 -11.22
C LEU A 62 -33.82 -20.72 -11.39
N VAL A 63 -32.83 -20.94 -12.25
CA VAL A 63 -31.79 -19.92 -12.46
C VAL A 63 -32.39 -18.63 -13.02
N ALA A 64 -33.30 -18.74 -13.98
CA ALA A 64 -33.91 -17.53 -14.55
C ALA A 64 -34.75 -16.81 -13.49
N LYS A 65 -35.43 -17.58 -12.65
CA LYS A 65 -36.24 -16.97 -11.59
C LYS A 65 -35.37 -16.20 -10.59
N ILE A 66 -34.26 -16.80 -10.13
CA ILE A 66 -33.37 -16.12 -9.17
C ILE A 66 -32.70 -14.91 -9.82
N MET A 67 -32.18 -15.08 -11.04
CA MET A 67 -31.46 -13.97 -11.69
C MET A 67 -32.39 -12.80 -11.99
N SER A 68 -33.63 -13.09 -12.39
CA SER A 68 -34.59 -12.04 -12.63
C SER A 68 -34.93 -11.29 -11.34
N ALA A 69 -35.06 -12.01 -10.22
CA ALA A 69 -35.32 -11.34 -8.95
C ALA A 69 -34.17 -10.42 -8.58
N ILE A 70 -32.92 -10.90 -8.71
CA ILE A 70 -31.76 -10.02 -8.51
C ILE A 70 -31.84 -8.81 -9.42
N ALA A 71 -32.07 -9.04 -10.71
CA ALA A 71 -32.10 -7.92 -11.66
C ALA A 71 -33.23 -6.94 -11.32
N ASP A 72 -34.41 -7.46 -10.96
CA ASP A 72 -35.55 -6.60 -10.69
C ASP A 72 -35.26 -5.70 -9.50
N ARG A 73 -34.63 -6.24 -8.44
CA ARG A 73 -34.28 -5.41 -7.31
C ARG A 73 -33.16 -4.43 -7.66
N SER A 74 -32.23 -4.81 -8.54
CA SER A 74 -31.21 -3.85 -8.96
C SER A 74 -31.86 -2.69 -9.69
N VAL A 75 -32.83 -2.99 -10.57
CA VAL A 75 -33.50 -1.91 -11.30
C VAL A 75 -34.23 -0.99 -10.32
N HIS A 76 -34.84 -1.57 -9.29
CA HIS A 76 -35.54 -0.78 -8.28
C HIS A 76 -34.57 0.15 -7.54
N GLU A 77 -33.39 -0.36 -7.18
CA GLU A 77 -32.37 0.48 -6.56
C GLU A 77 -32.01 1.69 -7.42
N PHE A 78 -31.86 1.51 -8.74
CA PHE A 78 -31.48 2.65 -9.57
C PHE A 78 -32.64 3.64 -9.72
N VAL A 79 -33.86 3.14 -9.88
CA VAL A 79 -35.01 4.01 -10.17
C VAL A 79 -35.52 4.67 -8.90
N GLU A 80 -35.36 4.02 -7.74
CA GLU A 80 -35.84 4.55 -6.46
C GLU A 80 -34.86 4.11 -5.38
N PRO A 81 -33.69 4.74 -5.31
CA PRO A 81 -32.64 4.25 -4.41
C PRO A 81 -33.01 4.42 -2.94
N TYR A 82 -32.57 3.46 -2.13
CA TYR A 82 -32.87 3.42 -0.72
C TYR A 82 -31.67 3.94 0.05
N THR A 83 -31.91 4.88 0.95
CA THR A 83 -30.86 5.41 1.80
C THR A 83 -30.88 4.65 3.11
N PHE A 84 -29.83 3.92 3.39
CA PHE A 84 -29.81 3.08 4.58
C PHE A 84 -29.78 3.99 5.81
N PRO A 85 -30.68 3.82 6.77
CA PRO A 85 -30.54 4.54 8.04
C PRO A 85 -29.37 4.02 8.83
N SER A 86 -29.09 4.66 9.97
CA SER A 86 -28.02 4.21 10.85
C SER A 86 -28.36 2.86 11.49
N PHE A 87 -29.60 2.67 11.91
CA PHE A 87 -30.09 1.40 12.47
C PHE A 87 -31.09 0.87 11.44
N HIS A 88 -30.63 0.05 10.52
CA HIS A 88 -31.53 -0.40 9.47
C HIS A 88 -32.18 -1.70 9.91
N HIS A 89 -33.48 -1.81 9.70
CA HIS A 89 -34.24 -3.01 10.01
C HIS A 89 -34.66 -3.76 8.75
N ARG A 90 -34.45 -5.07 8.77
CA ARG A 90 -35.00 -6.06 7.85
C ARG A 90 -36.24 -5.59 7.12
N ILE A 91 -36.18 -5.39 5.81
CA ILE A 91 -37.36 -5.05 5.04
C ILE A 91 -38.03 -6.33 4.59
N LEU A 92 -39.26 -6.54 5.05
CA LEU A 92 -40.06 -7.71 4.70
C LEU A 92 -41.27 -7.40 3.85
N GLU A 93 -41.80 -6.17 3.89
CA GLU A 93 -42.97 -5.74 3.13
C GLU A 93 -42.67 -4.41 2.48
N PRO A 94 -43.25 -4.13 1.30
CA PRO A 94 -44.07 -5.02 0.46
C PRO A 94 -43.26 -6.04 -0.36
N TYR A 95 -41.95 -5.86 -0.40
CA TYR A 95 -41.03 -6.82 -0.98
C TYR A 95 -40.18 -7.40 0.14
N ASN A 96 -40.11 -8.73 0.23
CA ASN A 96 -39.38 -9.42 1.31
C ASN A 96 -37.92 -9.56 0.89
N TYR A 97 -37.06 -8.66 1.37
CA TYR A 97 -35.64 -8.77 1.03
C TYR A 97 -34.90 -9.85 1.83
N TYR A 98 -35.44 -10.26 2.99
CA TYR A 98 -34.85 -11.36 3.74
C TYR A 98 -34.93 -12.66 2.94
N GLN A 99 -36.14 -13.03 2.51
CA GLN A 99 -36.36 -14.27 1.77
C GLN A 99 -35.66 -14.24 0.41
N PHE A 100 -35.67 -13.08 -0.26
CA PHE A 100 -34.82 -12.82 -1.42
C PHE A 100 -33.36 -13.23 -1.18
N GLY A 101 -32.75 -12.78 -0.09
CA GLY A 101 -31.37 -13.16 0.22
C GLY A 101 -31.21 -14.65 0.53
N GLN A 102 -32.14 -15.21 1.31
CA GLN A 102 -32.10 -16.63 1.68
C GLN A 102 -32.24 -17.54 0.47
N ASN A 103 -33.15 -17.20 -0.43
CA ASN A 103 -33.32 -18.05 -1.60
C ASN A 103 -32.05 -18.09 -2.45
N TYR A 104 -31.44 -16.92 -2.68
CA TYR A 104 -30.17 -16.84 -3.42
C TYR A 104 -29.11 -17.76 -2.83
N VAL A 105 -28.84 -17.60 -1.54
CA VAL A 105 -27.72 -18.28 -0.90
C VAL A 105 -27.98 -19.78 -0.82
N ARG A 106 -29.22 -20.16 -0.56
CA ARG A 106 -29.58 -21.56 -0.42
C ARG A 106 -29.40 -22.33 -1.72
N THR A 107 -29.47 -21.67 -2.89
CA THR A 107 -29.14 -22.39 -4.13
C THR A 107 -27.65 -22.68 -4.26
N LEU A 108 -26.80 -21.98 -3.50
CA LEU A 108 -25.37 -22.21 -3.57
C LEU A 108 -24.83 -23.00 -2.40
N LEU A 109 -25.62 -23.13 -1.33
CA LEU A 109 -25.15 -23.71 -0.09
C LEU A 109 -25.36 -25.22 -0.14
N ASP A 110 -24.26 -25.97 -0.13
CA ASP A 110 -24.34 -27.42 -0.12
C ASP A 110 -24.57 -27.85 1.31
N PHE A 111 -25.84 -28.05 1.65
CA PHE A 111 -26.25 -28.41 2.99
C PHE A 111 -25.67 -29.76 3.43
N SER A 112 -25.47 -30.68 2.50
CA SER A 112 -25.01 -32.00 2.91
C SER A 112 -23.58 -31.99 3.45
N LYS A 113 -22.79 -30.97 3.11
CA LYS A 113 -21.43 -30.86 3.65
C LYS A 113 -21.32 -29.81 4.75
N SER A 114 -22.40 -29.12 5.07
CA SER A 114 -22.31 -27.96 5.95
C SER A 114 -22.57 -28.38 7.40
N VAL A 115 -22.06 -27.57 8.35
CA VAL A 115 -22.20 -27.86 9.77
C VAL A 115 -22.42 -26.55 10.51
N VAL A 116 -22.96 -26.67 11.73
CA VAL A 116 -23.05 -25.60 12.70
C VAL A 116 -22.51 -26.14 14.00
N GLY A 117 -21.41 -25.56 14.48
CA GLY A 117 -20.76 -26.06 15.67
C GLY A 117 -21.26 -25.38 16.94
N HIS A 118 -21.39 -26.21 17.99
CA HIS A 118 -21.65 -25.79 19.39
C HIS A 118 -23.06 -25.20 19.56
N LEU A 119 -24.07 -25.97 19.11
CA LEU A 119 -25.46 -25.58 19.34
C LEU A 119 -25.77 -25.32 20.81
N ALA A 120 -25.10 -26.03 21.74
CA ALA A 120 -25.33 -25.78 23.16
C ALA A 120 -24.92 -24.36 23.56
N ARG A 121 -23.88 -23.81 22.92
CA ARG A 121 -23.48 -22.43 23.18
C ARG A 121 -24.44 -21.41 22.54
N PHE A 122 -24.97 -21.73 21.35
CA PHE A 122 -26.07 -20.93 20.79
C PHE A 122 -27.30 -20.94 21.69
N ASP A 123 -27.54 -22.05 22.40
CA ASP A 123 -28.62 -22.06 23.40
C ASP A 123 -28.35 -21.07 24.52
N GLU A 124 -27.10 -21.04 25.01
CA GLU A 124 -26.71 -20.03 25.99
C GLU A 124 -26.88 -18.61 25.43
N ILE A 125 -26.51 -18.40 24.17
CA ILE A 125 -26.66 -17.08 23.59
C ILE A 125 -28.14 -16.72 23.52
N GLU A 126 -28.96 -17.65 23.05
CA GLU A 126 -30.41 -17.43 23.07
C GLU A 126 -30.91 -17.10 24.48
N GLN A 127 -30.37 -17.79 25.50
CA GLN A 127 -30.77 -17.49 26.88
C GLN A 127 -30.35 -16.10 27.31
N GLN A 128 -29.14 -15.68 26.92
CA GLN A 128 -28.70 -14.36 27.29
C GLN A 128 -29.53 -13.29 26.59
N ILE A 129 -29.91 -13.54 25.34
CA ILE A 129 -30.74 -12.61 24.60
C ILE A 129 -32.15 -12.53 25.19
N ALA A 130 -32.73 -13.69 25.56
CA ALA A 130 -34.08 -13.68 26.17
C ALA A 130 -34.08 -13.05 27.55
N ALA A 131 -32.94 -12.98 28.22
CA ALA A 131 -32.88 -12.30 29.50
C ALA A 131 -32.66 -10.81 29.35
N GLY A 132 -32.55 -10.31 28.11
CA GLY A 132 -32.30 -8.91 27.87
C GLY A 132 -30.85 -8.50 27.87
N GLU A 133 -29.92 -9.46 27.85
CA GLU A 133 -28.51 -9.14 27.74
C GLU A 133 -28.13 -8.93 26.25
N ASN A 134 -26.93 -8.37 26.04
CA ASN A 134 -26.38 -8.06 24.72
C ASN A 134 -25.26 -9.04 24.38
N VAL A 135 -25.20 -9.48 23.12
CA VAL A 135 -24.18 -10.42 22.69
C VAL A 135 -23.57 -9.96 21.37
N VAL A 136 -22.24 -9.87 21.32
CA VAL A 136 -21.50 -9.48 20.13
C VAL A 136 -20.72 -10.71 19.63
N LEU A 137 -20.84 -11.00 18.32
CA LEU A 137 -20.06 -12.03 17.65
C LEU A 137 -18.85 -11.39 16.92
N LEU A 138 -17.64 -11.73 17.34
CA LEU A 138 -16.42 -11.22 16.70
C LEU A 138 -15.99 -12.23 15.64
N ALA A 139 -16.28 -11.91 14.38
CA ALA A 139 -16.36 -12.89 13.31
C ALA A 139 -15.34 -12.60 12.24
N ASN A 140 -14.83 -13.66 11.61
CA ASN A 140 -14.28 -13.48 10.29
C ASN A 140 -15.40 -13.39 9.29
N HIS A 141 -15.06 -12.83 8.14
CA HIS A 141 -16.00 -12.46 7.11
C HIS A 141 -15.38 -12.96 5.82
N GLN A 142 -16.13 -13.66 5.00
CA GLN A 142 -15.51 -14.21 3.79
C GLN A 142 -16.22 -13.86 2.49
N THR A 143 -17.54 -13.74 2.50
CA THR A 143 -18.31 -13.48 1.30
C THR A 143 -19.40 -12.48 1.62
N GLU A 144 -19.90 -11.80 0.59
CA GLU A 144 -21.08 -10.97 0.76
C GLU A 144 -22.32 -11.80 1.04
N ALA A 145 -22.23 -13.11 0.93
CA ALA A 145 -23.36 -13.99 1.19
C ALA A 145 -23.39 -14.46 2.64
N ASP A 146 -22.43 -14.03 3.45
CA ASP A 146 -22.34 -14.52 4.82
C ASP A 146 -23.59 -14.32 5.68
N PRO A 147 -24.30 -13.18 5.64
CA PRO A 147 -25.58 -13.14 6.38
C PRO A 147 -26.56 -14.24 5.97
N GLY A 148 -26.54 -14.65 4.70
CA GLY A 148 -27.37 -15.76 4.28
C GLY A 148 -26.88 -17.08 4.81
N VAL A 149 -25.56 -17.27 4.85
CA VAL A 149 -25.02 -18.50 5.41
C VAL A 149 -25.40 -18.61 6.85
N PHE A 150 -25.24 -17.49 7.57
CA PHE A 150 -25.51 -17.44 9.00
C PHE A 150 -26.94 -17.88 9.28
N ALA A 151 -27.91 -17.25 8.60
CA ALA A 151 -29.32 -17.45 8.92
C ALA A 151 -29.80 -18.83 8.48
N LEU A 152 -29.41 -19.24 7.26
CA LEU A 152 -29.77 -20.58 6.79
C LEU A 152 -29.24 -21.67 7.72
N LEU A 153 -28.00 -21.53 8.21
CA LEU A 153 -27.40 -22.55 9.06
C LEU A 153 -28.02 -22.59 10.46
N LEU A 154 -28.59 -21.48 10.93
CA LEU A 154 -29.08 -21.41 12.31
C LEU A 154 -30.60 -21.46 12.40
N GLU A 155 -31.30 -21.22 11.28
CA GLU A 155 -32.75 -21.21 11.11
C GLU A 155 -33.45 -22.31 11.89
N HIS A 156 -32.91 -23.54 11.78
CA HIS A 156 -33.64 -24.72 12.23
C HIS A 156 -33.61 -24.87 13.74
N THR A 157 -32.55 -24.44 14.41
CA THR A 157 -32.46 -24.58 15.85
C THR A 157 -32.69 -23.27 16.57
N HIS A 158 -32.35 -22.14 15.94
CA HIS A 158 -32.30 -20.85 16.63
C HIS A 158 -32.88 -19.76 15.73
N PRO A 159 -34.19 -19.84 15.43
CA PRO A 159 -34.75 -18.93 14.42
C PRO A 159 -34.68 -17.47 14.83
N ARG A 160 -34.82 -17.14 16.12
CA ARG A 160 -34.72 -15.75 16.51
C ARG A 160 -33.30 -15.21 16.33
N LEU A 161 -32.28 -16.03 16.60
CA LEU A 161 -30.92 -15.55 16.36
C LEU A 161 -30.68 -15.34 14.87
N ALA A 162 -31.26 -16.22 14.03
CA ALA A 162 -30.98 -16.17 12.60
C ALA A 162 -31.54 -14.92 11.97
N THR A 163 -32.76 -14.51 12.38
CA THR A 163 -33.42 -13.34 11.80
C THR A 163 -33.01 -12.03 12.45
N ASP A 164 -32.79 -12.00 13.79
CA ASP A 164 -32.64 -10.77 14.55
C ASP A 164 -31.19 -10.30 14.73
N VAL A 165 -30.17 -11.09 14.36
CA VAL A 165 -28.78 -10.63 14.38
C VAL A 165 -28.69 -9.27 13.64
N ILE A 166 -27.79 -8.39 14.10
CA ILE A 166 -27.57 -7.09 13.47
C ILE A 166 -26.13 -7.02 12.99
N TYR A 167 -25.93 -6.79 11.71
CA TYR A 167 -24.59 -6.76 11.15
C TYR A 167 -24.07 -5.33 11.19
N VAL A 168 -22.83 -5.18 11.67
CA VAL A 168 -22.12 -3.93 11.54
C VAL A 168 -21.48 -3.93 10.15
N ALA A 169 -21.96 -3.06 9.28
CA ALA A 169 -21.47 -3.06 7.90
C ALA A 169 -21.59 -1.66 7.33
N GLY A 170 -20.79 -1.38 6.33
CA GLY A 170 -20.82 -0.08 5.74
C GLY A 170 -20.24 -0.11 4.35
N ASP A 171 -19.88 1.08 3.89
CA ASP A 171 -19.22 1.26 2.61
C ASP A 171 -20.06 0.59 1.54
N ARG A 172 -19.48 -0.21 0.64
CA ARG A 172 -20.24 -0.59 -0.55
C ARG A 172 -21.38 -1.54 -0.23
N VAL A 173 -21.38 -2.13 0.98
CA VAL A 173 -22.51 -2.95 1.41
C VAL A 173 -23.81 -2.13 1.46
N VAL A 174 -23.72 -0.83 1.73
CA VAL A 174 -24.89 0.04 1.79
C VAL A 174 -24.84 1.17 0.79
N THR A 175 -23.76 1.30 0.02
CA THR A 175 -23.69 2.35 -1.00
C THR A 175 -23.71 1.82 -2.43
N ASP A 176 -23.24 0.60 -2.67
CA ASP A 176 -23.24 0.06 -4.04
C ASP A 176 -24.64 -0.36 -4.45
N PRO A 177 -25.21 0.21 -5.52
CA PRO A 177 -26.59 -0.16 -5.90
C PRO A 177 -26.81 -1.65 -6.16
N LEU A 178 -25.76 -2.42 -6.47
CA LEU A 178 -25.96 -3.83 -6.75
C LEU A 178 -25.84 -4.73 -5.51
N CYS A 179 -25.26 -4.22 -4.42
CA CYS A 179 -25.20 -4.95 -3.15
C CYS A 179 -26.34 -4.58 -2.20
N LYS A 180 -26.92 -3.39 -2.37
CA LYS A 180 -27.96 -2.94 -1.46
C LYS A 180 -29.15 -3.88 -1.32
N PRO A 181 -29.70 -4.49 -2.38
CA PRO A 181 -30.91 -5.29 -2.18
C PRO A 181 -30.69 -6.47 -1.25
N PHE A 182 -29.51 -7.10 -1.28
CA PHE A 182 -29.24 -8.15 -0.30
C PHE A 182 -29.19 -7.55 1.09
N SER A 183 -28.51 -6.43 1.22
CA SER A 183 -28.32 -5.81 2.51
C SER A 183 -29.63 -5.39 3.12
N MET A 184 -30.60 -5.00 2.27
CA MET A 184 -31.88 -4.49 2.75
C MET A 184 -32.68 -5.53 3.52
N GLY A 185 -32.37 -6.82 3.32
CA GLY A 185 -33.05 -7.91 3.99
C GLY A 185 -32.48 -8.28 5.34
N ARG A 186 -31.45 -7.57 5.78
CA ARG A 186 -30.82 -7.85 7.06
C ARG A 186 -30.95 -6.64 7.96
N ASN A 187 -30.86 -6.87 9.27
CA ASN A 187 -30.65 -5.78 10.22
C ASN A 187 -29.19 -5.34 10.15
N LEU A 188 -28.95 -4.03 10.10
CA LEU A 188 -27.60 -3.47 10.01
C LEU A 188 -27.42 -2.25 10.92
N PHE A 189 -26.23 -2.10 11.44
CA PHE A 189 -25.73 -0.81 11.89
C PHE A 189 -24.77 -0.31 10.82
N CYS A 190 -25.04 0.86 10.24
CA CYS A 190 -24.23 1.38 9.15
C CYS A 190 -23.03 2.14 9.69
N VAL A 191 -21.87 1.49 9.67
CA VAL A 191 -20.60 2.03 10.16
C VAL A 191 -19.63 2.02 8.99
N HIS A 192 -19.24 3.21 8.53
CA HIS A 192 -18.32 3.32 7.41
C HIS A 192 -16.86 3.22 7.87
N SER A 193 -16.08 2.44 7.14
CA SER A 193 -14.66 2.22 7.45
C SER A 193 -13.91 3.53 7.61
N LYS A 194 -13.09 3.62 8.68
CA LYS A 194 -12.15 4.73 8.80
C LYS A 194 -11.33 4.93 7.53
N LYS A 195 -10.76 3.86 6.97
CA LYS A 195 -9.77 4.00 5.90
C LYS A 195 -10.36 4.57 4.62
N ARG A 196 -11.56 4.14 4.24
CA ARG A 196 -12.11 4.43 2.91
C ARG A 196 -13.03 5.65 2.90
N LEU A 197 -12.77 6.62 3.79
CA LEU A 197 -13.64 7.78 3.94
C LEU A 197 -13.41 8.86 2.90
N ASP A 198 -12.31 8.84 2.15
CA ASP A 198 -12.03 9.92 1.22
C ASP A 198 -12.05 9.46 -0.24
N ASP A 199 -12.94 8.52 -0.59
CA ASP A 199 -12.97 8.06 -1.98
C ASP A 199 -13.42 9.19 -2.90
N ILE A 200 -14.45 9.93 -2.51
CA ILE A 200 -14.86 11.17 -3.18
C ILE A 200 -15.16 12.21 -2.10
N PRO A 201 -14.17 13.11 -1.80
CA PRO A 201 -14.23 13.94 -0.58
C PRO A 201 -15.53 14.69 -0.31
N GLU A 202 -16.39 14.89 -1.32
CA GLU A 202 -17.73 15.41 -1.08
C GLU A 202 -18.64 14.36 -0.47
N LEU A 203 -18.25 13.08 -0.56
CA LEU A 203 -18.94 11.94 0.00
C LEU A 203 -18.47 11.60 1.42
N LYS A 204 -17.29 12.10 1.82
CA LYS A 204 -16.78 11.90 3.18
C LYS A 204 -17.76 12.40 4.22
N ALA A 205 -18.38 13.58 3.97
CA ALA A 205 -19.18 14.24 4.99
C ALA A 205 -20.50 13.52 5.25
N SER A 206 -21.15 13.01 4.20
CA SER A 206 -22.34 12.20 4.44
C SER A 206 -21.99 10.94 5.22
N LYS A 207 -20.74 10.47 5.15
CA LYS A 207 -20.34 9.25 5.83
C LYS A 207 -19.99 9.52 7.29
N VAL A 208 -19.25 10.60 7.56
CA VAL A 208 -18.90 10.94 8.94
C VAL A 208 -20.16 11.20 9.76
N ALA A 209 -21.13 11.92 9.18
CA ALA A 209 -22.34 12.25 9.92
C ALA A 209 -23.18 11.01 10.19
N THR A 210 -23.37 10.16 9.17
CA THR A 210 -23.96 8.85 9.39
C THR A 210 -23.27 8.13 10.53
N ASN A 211 -21.92 8.15 10.56
CA ASN A 211 -21.17 7.42 11.59
C ASN A 211 -21.50 7.92 13.00
N ARG A 212 -21.71 9.24 13.15
CA ARG A 212 -22.11 9.76 14.46
C ARG A 212 -23.48 9.26 14.84
N ARG A 213 -24.39 9.21 13.87
CA ARG A 213 -25.74 8.78 14.15
C ARG A 213 -25.77 7.29 14.46
N THR A 214 -24.91 6.50 13.80
CA THR A 214 -24.85 5.08 14.12
C THR A 214 -24.34 4.85 15.54
N LEU A 215 -23.33 5.62 15.95
CA LEU A 215 -22.83 5.51 17.33
C LEU A 215 -23.92 5.78 18.35
N SER A 216 -24.73 6.83 18.12
CA SER A 216 -25.88 7.16 18.98
C SER A 216 -26.94 6.07 18.93
N ALA A 217 -27.26 5.60 17.72
CA ALA A 217 -28.24 4.52 17.57
C ALA A 217 -27.77 3.23 18.25
N MET A 218 -26.47 2.92 18.24
CA MET A 218 -25.98 1.70 18.88
C MET A 218 -26.02 1.83 20.40
N THR A 219 -25.60 3.00 20.93
CA THR A 219 -25.67 3.23 22.37
C THR A 219 -27.09 3.05 22.88
N LYS A 220 -28.06 3.62 22.17
CA LYS A 220 -29.45 3.49 22.60
C LYS A 220 -29.91 2.04 22.50
N ALA A 221 -29.76 1.43 21.32
CA ALA A 221 -30.16 0.03 21.12
C ALA A 221 -29.54 -0.88 22.18
N LEU A 222 -28.24 -0.73 22.46
CA LEU A 222 -27.60 -1.63 23.42
C LEU A 222 -28.11 -1.39 24.84
N ASN A 223 -28.54 -0.15 25.16
CA ASN A 223 -29.01 0.11 26.50
C ASN A 223 -30.42 -0.43 26.72
N GLU A 224 -31.14 -0.69 25.64
CA GLU A 224 -32.42 -1.38 25.77
C GLU A 224 -32.24 -2.90 25.88
N GLY A 225 -31.08 -3.43 25.48
CA GLY A 225 -30.78 -4.84 25.68
C GLY A 225 -31.36 -5.78 24.62
N GLY A 226 -30.99 -7.05 24.74
CA GLY A 226 -31.45 -8.07 23.82
C GLY A 226 -30.91 -7.97 22.41
N ARG A 227 -29.78 -7.30 22.22
CA ARG A 227 -29.21 -7.07 20.90
C ARG A 227 -28.12 -8.09 20.62
N LEU A 228 -28.23 -8.76 19.47
CA LEU A 228 -27.22 -9.67 18.98
C LEU A 228 -26.53 -9.01 17.81
N LEU A 229 -25.23 -8.72 17.96
CA LEU A 229 -24.45 -8.02 16.96
C LEU A 229 -23.42 -8.96 16.35
N TRP A 230 -23.24 -8.83 15.04
CA TRP A 230 -22.16 -9.43 14.28
C TRP A 230 -21.26 -8.32 13.78
N ILE A 231 -19.95 -8.46 13.97
CA ILE A 231 -18.97 -7.52 13.44
C ILE A 231 -17.75 -8.31 13.00
N ALA A 232 -17.16 -7.87 11.88
CA ALA A 232 -15.94 -8.48 11.38
C ALA A 232 -14.78 -7.53 11.69
N PRO A 233 -14.03 -7.75 12.79
CA PRO A 233 -13.00 -6.77 13.18
C PRO A 233 -11.87 -6.62 12.20
N SER A 234 -11.68 -7.52 11.25
CA SER A 234 -10.65 -7.24 10.23
C SER A 234 -11.03 -6.07 9.32
N GLY A 235 -12.30 -5.68 9.26
CA GLY A 235 -12.74 -4.57 8.45
C GLY A 235 -13.23 -4.91 7.05
N GLY A 236 -13.30 -6.19 6.69
CA GLY A 236 -13.78 -6.55 5.37
C GLY A 236 -13.72 -8.05 5.18
N ARG A 237 -13.77 -8.47 3.92
CA ARG A 237 -13.71 -9.90 3.63
C ARG A 237 -12.28 -10.41 3.74
N ASP A 238 -12.15 -11.65 4.20
CA ASP A 238 -10.85 -12.31 4.29
C ASP A 238 -10.12 -12.27 2.95
N ARG A 239 -8.79 -12.17 3.02
CA ARG A 239 -7.97 -12.07 1.84
C ARG A 239 -8.03 -13.39 1.07
N PRO A 240 -7.52 -13.45 -0.16
CA PRO A 240 -7.70 -14.66 -0.97
C PRO A 240 -6.98 -15.85 -0.38
N GLN A 241 -7.39 -17.03 -0.83
CA GLN A 241 -6.86 -18.28 -0.31
C GLN A 241 -5.41 -18.49 -0.76
N ALA A 242 -4.67 -19.27 0.03
CA ALA A 242 -3.28 -19.59 -0.26
C ALA A 242 -3.18 -20.76 -1.22
N ASP A 243 -2.20 -20.70 -2.11
CA ASP A 243 -2.03 -21.74 -3.12
C ASP A 243 -1.68 -23.08 -2.48
N THR A 244 -0.76 -23.07 -1.53
CA THR A 244 -0.55 -24.20 -0.65
C THR A 244 -0.12 -23.69 0.71
N GLY A 245 -0.26 -24.54 1.72
CA GLY A 245 0.13 -24.19 3.07
C GLY A 245 -1.07 -23.82 3.91
N ALA A 246 -0.77 -23.52 5.17
CA ALA A 246 -1.81 -23.13 6.11
C ALA A 246 -2.31 -21.73 5.79
N TRP A 247 -3.59 -21.51 6.03
CA TRP A 247 -4.23 -20.22 5.82
C TRP A 247 -5.08 -19.90 7.04
N HIS A 248 -4.98 -18.67 7.51
CA HIS A 248 -5.79 -18.27 8.65
C HIS A 248 -6.57 -17.01 8.30
N PRO A 249 -7.73 -16.80 8.93
CA PRO A 249 -8.51 -15.59 8.65
C PRO A 249 -7.68 -14.34 8.91
N ASP A 250 -8.12 -13.22 8.33
CA ASP A 250 -7.42 -11.94 8.50
C ASP A 250 -7.39 -11.52 9.97
N LYS A 251 -6.34 -10.80 10.35
CA LYS A 251 -6.19 -10.32 11.72
C LYS A 251 -7.29 -9.34 12.12
N PHE A 252 -7.58 -9.33 13.40
CA PHE A 252 -8.60 -8.49 14.00
C PHE A 252 -8.00 -7.13 14.34
N ASP A 253 -8.63 -6.06 13.89
CA ASP A 253 -8.17 -4.71 14.24
C ASP A 253 -8.52 -4.40 15.70
N PRO A 254 -7.54 -4.17 16.57
CA PRO A 254 -7.87 -3.90 17.99
C PRO A 254 -8.82 -2.73 18.21
N THR A 255 -8.85 -1.76 17.30
CA THR A 255 -9.75 -0.62 17.48
C THR A 255 -11.21 -1.02 17.35
N ALA A 256 -11.50 -1.96 16.44
CA ALA A 256 -12.88 -2.43 16.22
C ALA A 256 -13.36 -3.26 17.41
N VAL A 257 -12.52 -4.18 17.87
CA VAL A 257 -12.83 -4.99 19.05
C VAL A 257 -13.05 -4.09 20.27
N GLU A 258 -12.13 -3.16 20.49
CA GLU A 258 -12.30 -2.19 21.58
C GLU A 258 -13.60 -1.42 21.43
N LEU A 259 -13.99 -1.07 20.20
CA LEU A 259 -15.26 -0.36 20.03
C LEU A 259 -16.43 -1.18 20.58
N MET A 260 -16.46 -2.48 20.27
CA MET A 260 -17.54 -3.33 20.77
C MET A 260 -17.45 -3.50 22.28
N ARG A 261 -16.23 -3.67 22.79
CA ARG A 261 -16.08 -3.90 24.23
C ARG A 261 -16.55 -2.68 25.01
N GLN A 262 -16.24 -1.49 24.53
CA GLN A 262 -16.62 -0.28 25.25
C GLN A 262 -18.13 -0.03 25.16
N LEU A 263 -18.73 -0.27 23.99
CA LEU A 263 -20.18 -0.11 23.85
C LEU A 263 -20.94 -1.06 24.78
N LEU A 264 -20.46 -2.31 24.91
CA LEU A 264 -21.12 -3.28 25.79
C LEU A 264 -20.95 -2.90 27.26
N SER A 265 -19.81 -2.31 27.60
CA SER A 265 -19.48 -2.04 29.00
C SER A 265 -20.28 -0.88 29.56
N ARG A 266 -20.48 0.18 28.78
CA ARG A 266 -21.25 1.34 29.19
C ARG A 266 -22.76 1.14 29.08
N SER A 267 -23.24 -0.01 28.63
CA SER A 267 -24.68 -0.26 28.55
C SER A 267 -25.19 -0.80 29.89
N ALA A 268 -26.48 -0.59 30.13
CA ALA A 268 -27.08 -1.12 31.37
C ALA A 268 -27.11 -2.65 31.39
N PRO A 269 -27.53 -3.34 30.33
CA PRO A 269 -27.55 -4.81 30.39
C PRO A 269 -26.15 -5.42 30.39
N LYS A 270 -26.08 -6.65 30.88
CA LYS A 270 -24.86 -7.43 30.75
C LYS A 270 -24.53 -7.66 29.28
N GLY A 271 -23.24 -7.57 28.95
CA GLY A 271 -22.77 -7.77 27.59
C GLY A 271 -21.80 -8.94 27.50
N HIS A 272 -21.83 -9.62 26.35
CA HIS A 272 -21.01 -10.80 26.12
C HIS A 272 -20.32 -10.73 24.76
N LEU A 273 -19.03 -11.03 24.75
CA LEU A 273 -18.22 -11.08 23.54
C LEU A 273 -17.89 -12.54 23.22
N TYR A 274 -18.32 -12.99 22.04
CA TYR A 274 -18.01 -14.34 21.60
C TYR A 274 -17.18 -14.30 20.32
N PRO A 275 -16.09 -15.05 20.24
CA PRO A 275 -15.45 -15.25 18.95
C PRO A 275 -16.32 -16.17 18.11
N PHE A 276 -16.32 -15.93 16.80
CA PHE A 276 -17.27 -16.59 15.91
C PHE A 276 -16.56 -16.91 14.60
N ALA A 277 -16.55 -18.18 14.22
CA ALA A 277 -15.84 -18.65 13.04
C ALA A 277 -16.82 -18.94 11.91
N MET A 278 -16.45 -18.52 10.70
CA MET A 278 -17.31 -18.80 9.55
C MET A 278 -16.46 -19.28 8.40
N TYR A 279 -16.88 -20.39 7.81
CA TYR A 279 -16.21 -20.98 6.67
C TYR A 279 -17.18 -20.85 5.51
N SER A 280 -16.98 -19.85 4.64
CA SER A 280 -17.91 -19.59 3.55
C SER A 280 -17.26 -19.13 2.25
N TRP A 281 -15.94 -18.98 2.20
CA TRP A 281 -15.27 -18.41 1.03
C TRP A 281 -15.49 -19.22 -0.24
N GLU A 282 -15.79 -20.53 -0.12
CA GLU A 282 -15.99 -21.36 -1.31
C GLU A 282 -17.24 -20.97 -2.08
N LEU A 283 -18.25 -20.39 -1.42
CA LEU A 283 -19.48 -20.01 -2.11
C LEU A 283 -19.24 -18.89 -3.12
N MET A 284 -18.54 -17.84 -2.70
CA MET A 284 -18.32 -16.66 -3.55
C MET A 284 -16.98 -16.05 -3.19
N PRO A 285 -15.90 -16.57 -3.74
CA PRO A 285 -14.59 -15.97 -3.48
C PRO A 285 -14.51 -14.59 -4.13
N PRO A 286 -14.10 -13.56 -3.38
CA PRO A 286 -14.01 -12.18 -3.92
C PRO A 286 -12.86 -12.00 -4.91
N ARG A 297 -17.23 -8.30 -9.71
CA ARG A 297 -17.45 -9.61 -10.35
C ARG A 297 -17.69 -10.70 -9.29
N ARG A 298 -18.61 -11.61 -9.58
CA ARG A 298 -19.12 -12.56 -8.58
C ARG A 298 -18.91 -13.99 -9.05
N LEU A 299 -17.79 -14.59 -8.63
CA LEU A 299 -17.68 -16.04 -8.72
C LEU A 299 -18.68 -16.68 -7.78
N THR A 300 -19.32 -17.74 -8.22
CA THR A 300 -20.27 -18.42 -7.38
C THR A 300 -19.99 -19.91 -7.50
N HIS A 301 -20.06 -20.61 -6.38
CA HIS A 301 -19.87 -22.06 -6.37
C HIS A 301 -20.86 -22.70 -5.42
N PHE A 302 -21.23 -23.93 -5.76
CA PHE A 302 -22.04 -24.75 -4.88
C PHE A 302 -21.08 -25.46 -3.91
N ALA A 303 -21.10 -25.05 -2.65
CA ALA A 303 -20.05 -25.50 -1.75
C ALA A 303 -20.59 -25.61 -0.35
N GLY A 304 -19.83 -26.34 0.47
CA GLY A 304 -20.12 -26.43 1.88
C GLY A 304 -19.68 -25.20 2.63
N THR A 305 -20.33 -24.99 3.76
CA THR A 305 -20.11 -23.84 4.62
C THR A 305 -20.26 -24.33 6.05
N GLY A 306 -19.83 -23.50 6.99
CA GLY A 306 -20.13 -23.81 8.37
C GLY A 306 -19.91 -22.57 9.21
N ILE A 307 -20.39 -22.64 10.44
CA ILE A 307 -20.22 -21.60 11.43
C ILE A 307 -20.09 -22.29 12.77
N SER A 308 -19.43 -21.63 13.70
CA SER A 308 -19.28 -22.20 15.02
C SER A 308 -18.91 -21.04 15.92
N VAL A 309 -19.44 -21.02 17.14
CA VAL A 309 -19.17 -19.97 18.10
C VAL A 309 -18.30 -20.56 19.21
N CYS A 310 -17.15 -19.93 19.44
CA CYS A 310 -16.21 -20.33 20.48
C CYS A 310 -16.70 -19.82 21.82
N LYS A 311 -15.97 -20.19 22.88
CA LYS A 311 -16.35 -19.85 24.24
C LYS A 311 -16.31 -18.34 24.47
N GLU A 312 -17.22 -17.86 25.30
CA GLU A 312 -17.31 -16.44 25.58
C GLU A 312 -16.01 -15.93 26.18
N LEU A 313 -15.54 -14.78 25.71
CA LEU A 313 -14.28 -14.23 26.20
C LEU A 313 -14.47 -13.63 27.58
N ASP A 314 -13.56 -13.95 28.49
CA ASP A 314 -13.47 -13.35 29.82
C ASP A 314 -12.41 -12.26 29.71
N VAL A 315 -12.87 -11.02 29.54
CA VAL A 315 -11.97 -9.92 29.18
C VAL A 315 -10.95 -9.68 30.29
N ASP A 316 -11.44 -9.61 31.55
CA ASP A 316 -10.55 -9.34 32.67
C ASP A 316 -9.47 -10.41 32.77
N SER A 317 -9.85 -11.67 32.63
CA SER A 317 -8.83 -12.72 32.61
C SER A 317 -7.86 -12.56 31.44
N ILE A 318 -8.31 -12.04 30.30
CA ILE A 318 -7.42 -11.98 29.13
C ILE A 318 -6.41 -10.83 29.25
N VAL A 319 -6.84 -9.66 29.71
CA VAL A 319 -6.02 -8.45 29.60
C VAL A 319 -5.36 -8.01 30.91
N SER A 320 -5.71 -8.62 32.05
CA SER A 320 -5.34 -8.05 33.34
C SER A 320 -3.83 -8.11 33.61
N SER A 321 -3.05 -8.92 32.89
CA SER A 321 -1.61 -8.84 33.12
C SER A 321 -1.02 -7.51 32.65
N ALA A 322 -1.69 -6.80 31.74
CA ALA A 322 -1.21 -5.50 31.32
C ALA A 322 -1.75 -4.42 32.24
N ALA A 323 -0.93 -3.41 32.51
CA ALA A 323 -1.36 -2.30 33.37
C ALA A 323 -2.57 -1.58 32.75
N VAL A 324 -3.50 -1.18 33.61
CA VAL A 324 -4.72 -0.50 33.16
C VAL A 324 -4.41 0.75 32.35
N GLU A 325 -3.27 1.40 32.61
CA GLU A 325 -2.91 2.58 31.83
C GLU A 325 -2.51 2.21 30.40
N ASP A 326 -1.97 1.00 30.19
CA ASP A 326 -1.44 0.63 28.88
C ASP A 326 -2.58 0.08 28.03
N LYS A 327 -3.34 1.03 27.46
CA LYS A 327 -4.52 0.67 26.70
C LYS A 327 -4.16 -0.05 25.41
N ALA A 328 -3.09 0.38 24.72
CA ALA A 328 -2.73 -0.28 23.46
C ALA A 328 -2.50 -1.77 23.66
N THR A 329 -1.75 -2.14 24.69
CA THR A 329 -1.46 -3.55 24.94
C THR A 329 -2.73 -4.32 25.33
N ARG A 330 -3.57 -3.72 26.17
CA ARG A 330 -4.77 -4.44 26.58
C ARG A 330 -5.69 -4.64 25.38
N GLN A 331 -5.78 -3.64 24.51
CA GLN A 331 -6.61 -3.80 23.32
C GLN A 331 -6.01 -4.82 22.36
N GLN A 332 -4.69 -4.89 22.28
CA GLN A 332 -4.10 -5.88 21.41
C GLN A 332 -4.29 -7.29 21.96
N LEU A 333 -4.27 -7.45 23.29
CA LEU A 333 -4.49 -8.76 23.90
C LEU A 333 -5.90 -9.27 23.64
N LEU A 334 -6.91 -8.41 23.75
CA LEU A 334 -8.28 -8.84 23.54
C LEU A 334 -8.51 -9.24 22.09
N ALA A 335 -8.10 -8.38 21.15
CA ALA A 335 -8.29 -8.68 19.74
C ALA A 335 -7.54 -9.94 19.34
N THR A 336 -6.34 -10.13 19.87
CA THR A 336 -5.55 -11.29 19.49
C THR A 336 -6.12 -12.57 20.10
N ALA A 337 -6.54 -12.54 21.37
CA ALA A 337 -7.27 -13.68 21.93
C ALA A 337 -8.51 -14.00 21.10
N ALA A 338 -9.31 -12.97 20.77
CA ALA A 338 -10.48 -13.19 19.93
C ALA A 338 -10.09 -13.81 18.59
N TRP A 339 -9.04 -13.29 17.96
CA TRP A 339 -8.67 -13.74 16.63
C TRP A 339 -8.16 -15.18 16.68
N GLN A 340 -7.43 -15.53 17.74
CA GLN A 340 -6.82 -16.85 17.85
C GLN A 340 -7.90 -17.92 18.08
N ALA A 341 -8.92 -17.60 18.86
CA ALA A 341 -10.04 -18.53 19.00
C ALA A 341 -10.74 -18.74 17.66
N VAL A 342 -11.00 -17.64 16.94
CA VAL A 342 -11.64 -17.77 15.64
C VAL A 342 -10.79 -18.60 14.70
N SER A 343 -9.48 -18.36 14.69
CA SER A 343 -8.57 -19.05 13.79
C SER A 343 -8.50 -20.56 14.08
N ASP A 344 -8.47 -20.93 15.36
CA ASP A 344 -8.43 -22.35 15.73
C ASP A 344 -9.75 -23.05 15.39
N GLU A 345 -10.88 -22.39 15.60
CA GLU A 345 -12.15 -23.02 15.25
C GLU A 345 -12.39 -23.05 13.74
N TYR A 346 -11.87 -22.05 13.03
CA TYR A 346 -11.96 -22.04 11.57
C TYR A 346 -11.26 -23.26 10.98
N ALA A 347 -10.09 -23.65 11.51
CA ALA A 347 -9.36 -24.81 10.97
C ALA A 347 -10.11 -26.12 11.22
N ILE A 348 -10.76 -26.26 12.37
CA ILE A 348 -11.67 -27.41 12.57
C ILE A 348 -12.81 -27.36 11.56
N LEU A 349 -13.44 -26.20 11.36
CA LEU A 349 -14.51 -26.07 10.38
C LEU A 349 -14.04 -26.48 8.99
N GLU A 350 -12.87 -25.97 8.57
CA GLU A 350 -12.32 -26.34 7.27
C GLU A 350 -12.07 -27.83 7.16
N GLU A 351 -11.71 -28.49 8.27
CA GLU A 351 -11.51 -29.93 8.20
C GLU A 351 -12.84 -30.67 8.09
N VAL A 352 -13.80 -30.34 8.95
CA VAL A 352 -15.05 -31.10 8.96
C VAL A 352 -15.90 -30.86 7.71
N ILE A 353 -15.69 -29.76 7.00
CA ILE A 353 -16.47 -29.50 5.80
C ILE A 353 -15.82 -30.13 4.57
N GLY A 354 -14.50 -30.33 4.57
CA GLY A 354 -13.85 -31.02 3.49
C GLY A 354 -13.78 -32.53 3.61
N SER A 355 -14.24 -33.12 4.70
CA SER A 355 -14.16 -34.57 4.88
C SER A 355 -15.40 -35.08 5.61
N GLU A 356 -16.19 -35.91 4.93
CA GLU A 356 -17.35 -36.50 5.59
C GLU A 356 -16.96 -37.28 6.84
N ASP A 357 -15.80 -37.97 6.80
CA ASP A 357 -15.41 -38.78 7.95
C ASP A 357 -15.03 -37.89 9.14
N ALA A 358 -14.34 -36.78 8.88
CA ALA A 358 -14.02 -35.86 9.97
C ALA A 358 -15.28 -35.30 10.60
N ARG A 359 -16.28 -34.96 9.79
CA ARG A 359 -17.56 -34.49 10.32
C ARG A 359 -18.25 -35.56 11.15
N ARG A 360 -18.37 -36.78 10.61
CA ARG A 360 -19.04 -37.84 11.38
C ARG A 360 -18.32 -38.10 12.70
N GLN A 361 -16.99 -38.08 12.68
CA GLN A 361 -16.24 -38.33 13.90
C GLN A 361 -16.55 -37.29 14.97
N ARG A 362 -16.81 -36.05 14.56
CA ARG A 362 -17.09 -34.95 15.46
C ARG A 362 -18.55 -34.54 15.38
N SER A 363 -19.44 -35.49 15.09
CA SER A 363 -20.84 -35.15 14.88
C SER A 363 -21.55 -34.75 16.16
N ASP A 364 -20.94 -34.97 17.33
CA ASP A 364 -21.45 -34.45 18.60
C ASP A 364 -21.38 -32.93 18.68
N VAL A 365 -20.37 -32.31 18.06
CA VAL A 365 -20.17 -30.88 18.14
C VAL A 365 -20.62 -30.18 16.86
N TYR A 366 -20.25 -30.72 15.69
CA TYR A 366 -20.56 -30.09 14.40
C TYR A 366 -21.74 -30.85 13.80
N GLN A 367 -22.90 -30.21 13.80
CA GLN A 367 -24.17 -30.87 13.59
C GLN A 367 -24.82 -30.38 12.30
N GLN A 368 -25.90 -31.07 11.96
CA GLN A 368 -26.68 -30.78 10.77
C GLN A 368 -28.16 -30.82 11.17
N PRO A 369 -28.62 -29.81 11.92
CA PRO A 369 -30.02 -29.82 12.39
C PRO A 369 -31.02 -29.93 11.28
N TRP A 370 -30.69 -29.43 10.10
CA TRP A 370 -31.59 -29.52 8.95
C TRP A 370 -31.78 -30.96 8.47
N ALA A 371 -31.03 -31.92 9.00
CA ALA A 371 -30.99 -33.28 8.45
C ALA A 371 -31.36 -34.35 9.48
N MET B 1 5.50 -32.30 33.50
CA MET B 1 4.75 -31.06 33.73
C MET B 1 4.46 -30.89 35.24
N ALA B 2 3.61 -31.76 35.77
CA ALA B 2 3.32 -31.74 37.20
C ALA B 2 4.48 -32.22 38.04
N GLN B 3 5.44 -32.92 37.44
CA GLN B 3 6.60 -33.48 38.13
C GLN B 3 7.88 -32.64 37.94
N VAL B 4 7.76 -31.35 37.61
CA VAL B 4 8.93 -30.52 37.36
C VAL B 4 9.13 -29.57 38.54
N VAL B 5 10.29 -29.66 39.18
CA VAL B 5 10.62 -28.75 40.28
C VAL B 5 11.11 -27.44 39.67
N ARG B 6 10.47 -26.35 40.07
CA ARG B 6 10.75 -25.06 39.47
C ARG B 6 10.52 -23.97 40.50
N GLN B 7 11.28 -22.87 40.37
CA GLN B 7 11.06 -21.73 41.26
C GLN B 7 10.82 -20.44 40.48
N LYS B 8 11.82 -19.56 40.44
CA LYS B 8 11.77 -18.37 39.61
C LYS B 8 12.56 -18.59 38.32
N PHE B 9 12.42 -17.64 37.37
CA PHE B 9 13.20 -17.68 36.13
C PHE B 9 14.70 -17.63 36.41
N LYS B 10 15.10 -16.84 37.41
CA LYS B 10 16.53 -16.70 37.71
C LYS B 10 17.20 -18.01 38.12
N ASP B 11 16.42 -19.00 38.58
CA ASP B 11 16.98 -20.27 39.03
C ASP B 11 16.93 -21.36 37.95
N VAL B 12 16.45 -21.01 36.75
CA VAL B 12 16.26 -21.97 35.68
C VAL B 12 17.61 -22.38 35.11
N THR B 13 17.76 -23.68 34.85
CA THR B 13 18.92 -24.20 34.16
C THR B 13 18.57 -25.09 32.98
N THR B 14 17.32 -25.52 32.84
CA THR B 14 16.92 -26.37 31.73
C THR B 14 15.74 -25.77 31.01
N GLU B 15 15.50 -26.33 29.81
CA GLU B 15 14.33 -25.97 29.01
C GLU B 15 13.03 -26.34 29.71
N GLN B 16 12.95 -27.55 30.28
CA GLN B 16 11.70 -27.95 30.91
C GLN B 16 11.38 -27.07 32.11
N GLU B 17 12.41 -26.59 32.83
CA GLU B 17 12.16 -25.66 33.92
C GLU B 17 11.71 -24.30 33.41
N PHE B 18 12.31 -23.82 32.30
CA PHE B 18 11.88 -22.57 31.71
C PHE B 18 10.37 -22.56 31.47
N PHE B 19 9.86 -23.60 30.81
CA PHE B 19 8.45 -23.60 30.43
C PHE B 19 7.53 -23.89 31.61
N ALA B 20 8.02 -24.58 32.64
CA ALA B 20 7.26 -24.70 33.88
C ALA B 20 7.17 -23.35 34.61
N VAL B 21 8.28 -22.63 34.73
CA VAL B 21 8.24 -21.28 35.29
C VAL B 21 7.29 -20.38 34.50
N LEU B 22 7.40 -20.40 33.17
CA LEU B 22 6.55 -19.55 32.33
C LEU B 22 5.07 -19.88 32.55
N GLN B 23 4.75 -21.18 32.56
CA GLN B 23 3.39 -21.60 32.83
C GLN B 23 2.90 -21.07 34.17
N ASP B 24 3.74 -21.12 35.20
CA ASP B 24 3.35 -20.57 36.51
C ASP B 24 3.12 -19.06 36.44
N GLU B 25 3.99 -18.32 35.73
CA GLU B 25 3.83 -16.88 35.64
C GLU B 25 2.56 -16.50 34.87
N ILE B 26 2.24 -17.26 33.83
CA ILE B 26 0.97 -17.11 33.13
C ILE B 26 -0.18 -17.41 34.08
N ALA B 27 -0.06 -18.49 34.85
CA ALA B 27 -1.15 -18.93 35.72
C ALA B 27 -1.43 -17.94 36.83
N GLN B 28 -0.42 -17.20 37.30
CA GLN B 28 -0.65 -16.15 38.29
C GLN B 28 -1.03 -14.80 37.66
N GLY B 29 -1.32 -14.75 36.37
CA GLY B 29 -1.77 -13.54 35.74
C GLY B 29 -0.71 -12.47 35.58
N HIS B 30 0.58 -12.81 35.78
CA HIS B 30 1.64 -11.84 35.55
C HIS B 30 1.93 -11.61 34.08
N VAL B 31 1.71 -12.62 33.23
CA VAL B 31 1.89 -12.45 31.79
C VAL B 31 0.70 -13.10 31.06
N PRO B 32 0.37 -12.56 29.90
CA PRO B 32 -0.77 -13.12 29.15
C PRO B 32 -0.45 -14.51 28.64
N LYS B 33 -1.54 -15.25 28.38
CA LYS B 33 -1.47 -16.62 27.89
C LYS B 33 -0.69 -16.73 26.57
N LEU B 34 -0.74 -15.69 25.72
CA LEU B 34 -0.08 -15.76 24.42
C LEU B 34 1.44 -15.78 24.48
N LEU B 35 2.05 -15.45 25.63
CA LEU B 35 3.49 -15.60 25.71
C LEU B 35 3.93 -17.05 25.63
N MET B 36 3.03 -18.00 25.96
CA MET B 36 3.43 -19.41 25.89
C MET B 36 3.78 -19.82 24.47
N PRO B 37 2.87 -19.81 23.49
CA PRO B 37 3.28 -20.20 22.14
C PRO B 37 4.38 -19.31 21.56
N ALA B 38 4.40 -18.02 21.92
CA ALA B 38 5.41 -17.12 21.36
C ALA B 38 6.81 -17.51 21.83
N PHE B 39 6.92 -17.89 23.11
CA PHE B 39 8.20 -18.32 23.62
C PHE B 39 8.53 -19.73 23.15
N GLN B 40 7.51 -20.57 22.96
CA GLN B 40 7.75 -21.88 22.37
C GLN B 40 8.43 -21.75 21.02
N ASP B 41 7.94 -20.85 20.17
CA ASP B 41 8.58 -20.66 18.87
C ASP B 41 9.92 -19.95 18.99
N PHE B 42 10.00 -18.91 19.84
CA PHE B 42 11.26 -18.20 20.04
C PHE B 42 12.35 -19.13 20.60
N TYR B 43 12.03 -19.86 21.68
CA TYR B 43 12.95 -20.86 22.25
C TYR B 43 13.47 -21.82 21.19
N ASN B 44 12.55 -22.50 20.49
CA ASN B 44 12.95 -23.47 19.47
C ASN B 44 13.89 -22.85 18.44
N ASN B 45 13.54 -21.69 17.90
CA ASN B 45 14.41 -21.01 16.94
C ASN B 45 15.78 -20.74 17.54
N TYR B 46 15.80 -20.17 18.74
CA TYR B 46 17.03 -19.64 19.30
C TYR B 46 17.91 -20.77 19.79
N LYS B 47 17.32 -21.78 20.45
CA LYS B 47 18.05 -22.98 20.79
C LYS B 47 18.75 -23.56 19.57
N THR B 48 18.00 -23.78 18.49
CA THR B 48 18.56 -24.35 17.26
C THR B 48 19.76 -23.56 16.76
N ALA B 49 19.63 -22.23 16.68
CA ALA B 49 20.75 -21.39 16.25
C ALA B 49 21.96 -21.53 17.17
N VAL B 50 21.75 -21.49 18.50
CA VAL B 50 22.89 -21.44 19.41
C VAL B 50 23.56 -22.79 19.52
N LEU B 51 22.77 -23.85 19.70
CA LEU B 51 23.35 -25.19 19.85
C LEU B 51 24.00 -25.69 18.56
N GLY B 52 23.64 -25.13 17.41
CA GLY B 52 24.27 -25.48 16.16
C GLY B 52 25.48 -24.65 15.80
N SER B 53 25.81 -23.64 16.61
CA SER B 53 26.87 -22.68 16.27
C SER B 53 28.28 -23.25 16.43
N GLY B 54 28.43 -24.35 17.16
CA GLY B 54 29.73 -24.91 17.47
C GLY B 54 30.56 -24.08 18.43
N VAL B 55 30.02 -23.00 18.95
CA VAL B 55 30.79 -22.11 19.82
C VAL B 55 31.16 -22.84 21.10
N PRO B 56 32.39 -22.71 21.60
CA PRO B 56 32.72 -23.27 22.92
C PRO B 56 31.94 -22.58 24.01
N GLY B 57 31.19 -23.37 24.79
CA GLY B 57 30.38 -22.88 25.89
C GLY B 57 28.89 -22.85 25.61
N ALA B 58 28.49 -23.01 24.35
CA ALA B 58 27.13 -22.72 23.92
C ALA B 58 26.30 -24.00 24.03
N ASP B 59 25.79 -24.28 25.22
CA ASP B 59 25.06 -25.52 25.51
C ASP B 59 23.60 -25.26 25.90
N GLU B 60 22.92 -26.31 26.33
CA GLU B 60 21.51 -26.23 26.72
C GLU B 60 21.30 -25.33 27.92
N ALA B 61 22.27 -25.27 28.84
CA ALA B 61 22.09 -24.48 30.05
C ALA B 61 22.28 -22.99 29.76
N LEU B 62 23.23 -22.67 28.87
CA LEU B 62 23.38 -21.29 28.42
C LEU B 62 22.11 -20.81 27.72
N VAL B 63 21.60 -21.61 26.79
CA VAL B 63 20.37 -21.26 26.08
C VAL B 63 19.24 -21.05 27.08
N ALA B 64 19.13 -21.93 28.08
CA ALA B 64 18.13 -21.75 29.12
C ALA B 64 18.38 -20.48 29.93
N LYS B 65 19.65 -20.11 30.15
CA LYS B 65 19.92 -18.93 30.97
C LYS B 65 19.58 -17.64 30.21
N ILE B 66 19.86 -17.60 28.90
CA ILE B 66 19.50 -16.44 28.09
C ILE B 66 17.99 -16.32 28.00
N MET B 67 17.33 -17.40 27.58
CA MET B 67 15.87 -17.36 27.46
C MET B 67 15.21 -16.98 28.79
N SER B 68 15.67 -17.55 29.90
CA SER B 68 15.09 -17.22 31.21
C SER B 68 15.26 -15.74 31.53
N ALA B 69 16.43 -15.17 31.18
CA ALA B 69 16.63 -13.74 31.42
C ALA B 69 15.69 -12.90 30.55
N ILE B 70 15.48 -13.31 29.29
CA ILE B 70 14.55 -12.58 28.42
C ILE B 70 13.13 -12.66 28.98
N ALA B 71 12.67 -13.86 29.33
CA ALA B 71 11.34 -13.93 29.92
C ALA B 71 11.28 -13.26 31.29
N ASP B 72 12.36 -13.30 32.06
CA ASP B 72 12.38 -12.58 33.33
C ASP B 72 12.10 -11.10 33.10
N ARG B 73 12.75 -10.50 32.10
CA ARG B 73 12.58 -9.08 31.84
C ARG B 73 11.23 -8.78 31.23
N SER B 74 10.67 -9.74 30.48
CA SER B 74 9.33 -9.58 29.94
C SER B 74 8.31 -9.51 31.05
N VAL B 75 8.34 -10.50 31.96
CA VAL B 75 7.45 -10.49 33.13
C VAL B 75 7.54 -9.15 33.82
N HIS B 76 8.78 -8.68 34.02
CA HIS B 76 8.98 -7.40 34.69
C HIS B 76 8.29 -6.26 33.94
N GLU B 77 8.31 -6.30 32.59
CA GLU B 77 7.70 -5.22 31.83
C GLU B 77 6.17 -5.24 31.90
N PHE B 78 5.57 -6.40 32.15
CA PHE B 78 4.14 -6.43 32.37
C PHE B 78 3.79 -6.01 33.80
N VAL B 79 4.61 -6.42 34.78
CA VAL B 79 4.27 -6.12 36.17
C VAL B 79 4.57 -4.66 36.54
N GLU B 80 5.71 -4.13 36.09
CA GLU B 80 6.13 -2.75 36.39
C GLU B 80 6.61 -2.08 35.11
N PRO B 81 5.67 -1.67 34.25
CA PRO B 81 6.07 -1.15 32.92
C PRO B 81 6.92 0.11 33.00
N TYR B 82 7.98 0.13 32.21
CA TYR B 82 8.88 1.27 32.10
C TYR B 82 8.44 2.14 30.94
N THR B 83 8.32 3.44 31.17
CA THR B 83 7.93 4.37 30.12
C THR B 83 9.18 5.11 29.63
N PHE B 84 9.33 5.16 28.32
CA PHE B 84 10.57 5.71 27.77
C PHE B 84 10.49 7.22 27.77
N PRO B 85 11.46 7.92 28.36
CA PRO B 85 11.51 9.38 28.22
C PRO B 85 12.06 9.73 26.85
N SER B 86 11.89 11.01 26.49
CA SER B 86 12.34 11.47 25.18
C SER B 86 13.85 11.28 25.00
N PHE B 87 14.64 11.61 26.00
CA PHE B 87 16.06 11.32 26.01
C PHE B 87 16.25 10.22 27.05
N HIS B 88 16.27 8.97 26.59
CA HIS B 88 16.42 7.82 27.45
C HIS B 88 17.89 7.45 27.56
N HIS B 89 18.33 7.14 28.78
CA HIS B 89 19.71 6.76 29.03
C HIS B 89 19.83 5.28 29.36
N ARG B 90 20.93 4.70 28.93
CA ARG B 90 21.29 3.32 29.23
C ARG B 90 21.01 2.93 30.68
N ILE B 91 20.16 1.92 30.89
CA ILE B 91 19.90 1.38 32.23
C ILE B 91 20.90 0.26 32.52
N LEU B 92 21.75 0.49 33.53
CA LEU B 92 22.81 -0.43 33.94
C LEU B 92 22.66 -0.95 35.35
N GLU B 93 21.70 -0.42 36.12
CA GLU B 93 21.62 -0.65 37.55
C GLU B 93 20.19 -0.32 37.97
N PRO B 94 19.55 -1.13 38.82
CA PRO B 94 20.01 -2.35 39.48
C PRO B 94 20.07 -3.58 38.54
N TYR B 95 19.36 -3.53 37.42
CA TYR B 95 19.48 -4.56 36.39
C TYR B 95 20.21 -3.98 35.18
N ASN B 96 21.15 -4.73 34.64
CA ASN B 96 21.99 -4.23 33.55
C ASN B 96 21.35 -4.66 32.23
N TYR B 97 20.59 -3.75 31.61
CA TYR B 97 19.92 -4.07 30.35
C TYR B 97 20.87 -4.00 29.17
N TYR B 98 21.98 -3.29 29.31
CA TYR B 98 23.01 -3.30 28.28
C TYR B 98 23.66 -4.68 28.16
N GLN B 99 24.20 -5.21 29.26
CA GLN B 99 24.85 -6.51 29.19
C GLN B 99 23.87 -7.60 28.81
N PHE B 100 22.62 -7.49 29.28
CA PHE B 100 21.54 -8.36 28.81
C PHE B 100 21.42 -8.35 27.28
N GLY B 101 21.37 -7.15 26.69
CA GLY B 101 21.33 -7.05 25.24
C GLY B 101 22.57 -7.63 24.57
N GLN B 102 23.76 -7.23 25.06
CA GLN B 102 25.02 -7.70 24.49
C GLN B 102 25.12 -9.22 24.52
N ASN B 103 24.75 -9.84 25.64
CA ASN B 103 24.91 -11.28 25.79
C ASN B 103 23.97 -12.04 24.86
N TYR B 104 22.75 -11.56 24.69
CA TYR B 104 21.84 -12.19 23.75
C TYR B 104 22.42 -12.16 22.34
N VAL B 105 22.76 -10.97 21.85
CA VAL B 105 23.23 -10.85 20.48
C VAL B 105 24.55 -11.59 20.30
N ARG B 106 25.39 -11.65 21.34
CA ARG B 106 26.69 -12.27 21.17
C ARG B 106 26.56 -13.77 20.94
N THR B 107 25.53 -14.41 21.50
CA THR B 107 25.36 -15.83 21.24
C THR B 107 24.95 -16.09 19.79
N LEU B 108 24.47 -15.08 19.07
CA LEU B 108 24.01 -15.23 17.70
C LEU B 108 24.94 -14.63 16.65
N LEU B 109 25.79 -13.67 17.04
CA LEU B 109 26.73 -13.07 16.11
C LEU B 109 27.92 -14.01 15.91
N ASP B 110 28.30 -14.23 14.65
CA ASP B 110 29.40 -15.12 14.31
C ASP B 110 30.64 -14.24 14.09
N PHE B 111 31.38 -14.00 15.16
CA PHE B 111 32.52 -13.10 15.08
C PHE B 111 33.53 -13.53 14.01
N SER B 112 33.72 -14.84 13.81
CA SER B 112 34.73 -15.30 12.86
C SER B 112 34.48 -14.75 11.45
N LYS B 113 33.21 -14.58 11.07
CA LYS B 113 32.83 -14.06 9.77
C LYS B 113 32.59 -12.55 9.75
N SER B 114 32.60 -11.87 10.90
CA SER B 114 32.20 -10.46 10.95
C SER B 114 33.36 -9.51 10.71
N VAL B 115 33.03 -8.25 10.40
CA VAL B 115 34.03 -7.25 10.02
C VAL B 115 33.59 -5.84 10.46
N VAL B 116 34.57 -4.98 10.73
CA VAL B 116 34.38 -3.54 10.88
C VAL B 116 35.19 -2.81 9.81
N GLY B 117 34.52 -2.05 8.97
CA GLY B 117 35.18 -1.31 7.90
C GLY B 117 35.53 0.11 8.32
N HIS B 118 36.73 0.55 7.91
CA HIS B 118 37.17 1.93 8.06
C HIS B 118 37.33 2.33 9.54
N LEU B 119 38.17 1.57 10.24
CA LEU B 119 38.46 1.88 11.64
C LEU B 119 39.08 3.27 11.80
N ALA B 120 39.81 3.76 10.80
CA ALA B 120 40.43 5.08 10.94
C ALA B 120 39.41 6.21 10.80
N ARG B 121 38.32 5.96 10.06
CA ARG B 121 37.18 6.88 10.08
C ARG B 121 36.49 6.89 11.43
N PHE B 122 36.44 5.74 12.11
CA PHE B 122 35.92 5.72 13.47
C PHE B 122 36.83 6.48 14.42
N ASP B 123 38.13 6.54 14.13
CA ASP B 123 39.04 7.37 14.92
C ASP B 123 38.75 8.84 14.71
N GLU B 124 38.65 9.26 13.44
CA GLU B 124 38.14 10.60 13.12
C GLU B 124 36.92 10.90 13.95
N ILE B 125 35.94 9.99 13.94
CA ILE B 125 34.67 10.23 14.61
C ILE B 125 34.89 10.36 16.12
N GLU B 126 35.72 9.50 16.70
CA GLU B 126 35.96 9.60 18.14
C GLU B 126 36.63 10.92 18.50
N GLN B 127 37.52 11.42 17.63
CA GLN B 127 38.19 12.70 17.88
C GLN B 127 37.22 13.87 17.77
N GLN B 128 36.29 13.80 16.82
CA GLN B 128 35.25 14.81 16.75
C GLN B 128 34.39 14.81 18.01
N ILE B 129 34.05 13.62 18.52
CA ILE B 129 33.23 13.58 19.72
C ILE B 129 34.01 14.07 20.93
N ALA B 130 35.26 13.59 21.08
CA ALA B 130 36.12 14.03 22.17
C ALA B 130 36.33 15.53 22.13
N ALA B 131 36.31 16.14 20.94
CA ALA B 131 36.41 17.58 20.79
C ALA B 131 35.10 18.32 21.07
N GLY B 132 34.02 17.63 21.40
CA GLY B 132 32.75 18.28 21.64
C GLY B 132 31.88 18.50 20.43
N GLU B 133 32.17 17.83 19.32
CA GLU B 133 31.39 17.99 18.11
C GLU B 133 30.31 16.91 18.04
N ASN B 134 29.37 17.07 17.11
CA ASN B 134 28.25 16.15 16.94
C ASN B 134 28.41 15.32 15.67
N VAL B 135 28.21 14.02 15.80
CA VAL B 135 28.28 13.09 14.68
C VAL B 135 26.93 12.39 14.56
N VAL B 136 26.38 12.40 13.36
CA VAL B 136 25.17 11.67 13.03
C VAL B 136 25.54 10.60 12.02
N LEU B 137 25.10 9.38 12.26
CA LEU B 137 25.30 8.27 11.34
C LEU B 137 24.00 8.03 10.57
N LEU B 138 24.03 8.29 9.26
CA LEU B 138 22.89 8.00 8.40
C LEU B 138 23.02 6.55 7.95
N ALA B 139 22.19 5.69 8.54
CA ALA B 139 22.40 4.24 8.55
C ALA B 139 21.21 3.52 7.96
N ASN B 140 21.48 2.33 7.43
CA ASN B 140 20.42 1.37 7.14
C ASN B 140 20.26 0.47 8.35
N HIS B 141 19.05 -0.04 8.52
CA HIS B 141 18.65 -0.74 9.75
C HIS B 141 18.02 -2.04 9.30
N GLN B 142 18.46 -3.16 9.87
CA GLN B 142 18.07 -4.47 9.36
C GLN B 142 17.43 -5.40 10.38
N THR B 143 17.80 -5.30 11.66
CA THR B 143 17.20 -6.16 12.69
C THR B 143 17.08 -5.42 14.01
N GLU B 144 16.23 -5.99 14.87
CA GLU B 144 16.09 -5.49 16.23
C GLU B 144 17.38 -5.61 17.05
N ALA B 145 18.29 -6.49 16.63
CA ALA B 145 19.57 -6.71 17.29
C ALA B 145 20.64 -5.73 16.85
N ASP B 146 20.29 -4.73 16.02
CA ASP B 146 21.32 -3.87 15.44
C ASP B 146 22.13 -3.08 16.46
N PRO B 147 21.56 -2.54 17.56
CA PRO B 147 22.43 -1.92 18.56
C PRO B 147 23.37 -2.91 19.18
N GLY B 148 22.92 -4.15 19.35
CA GLY B 148 23.84 -5.19 19.79
C GLY B 148 25.01 -5.35 18.84
N VAL B 149 24.72 -5.48 17.54
CA VAL B 149 25.77 -5.60 16.53
C VAL B 149 26.69 -4.40 16.57
N PHE B 150 26.11 -3.19 16.50
CA PHE B 150 26.92 -1.96 16.54
C PHE B 150 27.90 -1.98 17.70
N ALA B 151 27.42 -2.35 18.89
CA ALA B 151 28.26 -2.23 20.08
C ALA B 151 29.28 -3.36 20.15
N LEU B 152 28.84 -4.60 19.87
CA LEU B 152 29.75 -5.74 19.92
C LEU B 152 30.88 -5.61 18.92
N LEU B 153 30.60 -5.08 17.73
CA LEU B 153 31.64 -4.97 16.71
C LEU B 153 32.59 -3.79 16.95
N LEU B 154 32.16 -2.79 17.70
CA LEU B 154 32.99 -1.62 17.94
C LEU B 154 33.62 -1.60 19.32
N GLU B 155 33.23 -2.54 20.19
CA GLU B 155 33.58 -2.48 21.61
C GLU B 155 35.09 -2.42 21.83
N HIS B 156 35.85 -3.18 21.04
CA HIS B 156 37.27 -3.39 21.33
C HIS B 156 38.13 -2.22 20.91
N THR B 157 37.70 -1.45 19.91
CA THR B 157 38.49 -0.34 19.40
C THR B 157 37.94 1.02 19.77
N HIS B 158 36.63 1.13 19.96
CA HIS B 158 36.00 2.41 20.25
C HIS B 158 34.90 2.16 21.29
N PRO B 159 35.29 1.81 22.52
CA PRO B 159 34.28 1.48 23.53
C PRO B 159 33.37 2.64 23.86
N ARG B 160 33.86 3.88 23.79
CA ARG B 160 32.96 5.00 24.07
C ARG B 160 31.89 5.12 23.01
N LEU B 161 32.24 4.90 21.73
CA LEU B 161 31.24 4.98 20.67
C LEU B 161 30.21 3.86 20.81
N ALA B 162 30.64 2.67 21.20
CA ALA B 162 29.71 1.55 21.33
C ALA B 162 28.64 1.81 22.38
N THR B 163 29.03 2.40 23.52
CA THR B 163 28.06 2.60 24.60
C THR B 163 27.33 3.93 24.51
N ASP B 164 27.97 4.97 23.96
CA ASP B 164 27.39 6.31 24.07
C ASP B 164 26.60 6.73 22.85
N VAL B 165 26.63 5.93 21.77
CA VAL B 165 25.73 6.15 20.65
C VAL B 165 24.31 6.30 21.17
N ILE B 166 23.56 7.21 20.53
CA ILE B 166 22.15 7.43 20.81
C ILE B 166 21.36 7.09 19.55
N TYR B 167 20.39 6.20 19.69
CA TYR B 167 19.61 5.72 18.56
C TYR B 167 18.30 6.50 18.48
N VAL B 168 18.01 7.00 17.29
CA VAL B 168 16.72 7.65 17.02
C VAL B 168 15.74 6.54 16.70
N ALA B 169 14.92 6.16 17.67
CA ALA B 169 14.10 4.97 17.58
C ALA B 169 12.73 5.28 18.15
N GLY B 170 11.77 4.44 17.82
CA GLY B 170 10.41 4.65 18.29
C GLY B 170 9.51 3.47 17.98
N ASP B 171 8.22 3.71 18.15
CA ASP B 171 7.17 2.76 17.74
C ASP B 171 7.27 1.51 18.60
N ARG B 172 7.37 0.30 18.01
CA ARG B 172 7.35 -0.95 18.77
C ARG B 172 8.58 -1.12 19.65
N VAL B 173 9.73 -0.62 19.19
CA VAL B 173 10.97 -0.67 19.97
C VAL B 173 10.80 -0.06 21.38
N VAL B 174 9.92 0.93 21.53
CA VAL B 174 9.68 1.53 22.85
C VAL B 174 8.27 1.30 23.37
N THR B 175 7.35 0.73 22.60
CA THR B 175 5.98 0.51 23.05
C THR B 175 5.62 -0.95 23.33
N ASP B 176 6.22 -1.91 22.61
CA ASP B 176 5.84 -3.31 22.80
C ASP B 176 6.62 -3.91 23.97
N PRO B 177 5.94 -4.52 24.94
CA PRO B 177 6.65 -4.94 26.17
C PRO B 177 7.65 -6.07 25.95
N LEU B 178 7.58 -6.78 24.84
CA LEU B 178 8.55 -7.84 24.62
C LEU B 178 9.86 -7.31 24.03
N CYS B 179 9.82 -6.17 23.31
CA CYS B 179 11.03 -5.57 22.76
C CYS B 179 11.63 -4.48 23.64
N LYS B 180 10.87 -3.98 24.62
CA LYS B 180 11.37 -2.93 25.50
C LYS B 180 12.63 -3.30 26.30
N PRO B 181 12.78 -4.51 26.87
CA PRO B 181 13.98 -4.75 27.67
C PRO B 181 15.28 -4.60 26.89
N PHE B 182 15.31 -4.98 25.61
CA PHE B 182 16.51 -4.76 24.82
C PHE B 182 16.84 -3.28 24.73
N SER B 183 15.84 -2.47 24.42
CA SER B 183 16.09 -1.06 24.17
C SER B 183 16.30 -0.27 25.46
N MET B 184 15.82 -0.79 26.60
CA MET B 184 16.14 -0.17 27.88
C MET B 184 17.64 -0.09 28.13
N GLY B 185 18.43 -0.96 27.53
CA GLY B 185 19.87 -0.96 27.75
C GLY B 185 20.65 -0.16 26.73
N ARG B 186 19.97 0.72 25.98
CA ARG B 186 20.62 1.60 25.02
C ARG B 186 20.20 3.04 25.29
N ASN B 187 20.99 3.98 24.77
CA ASN B 187 20.59 5.37 24.77
C ASN B 187 19.68 5.60 23.57
N LEU B 188 18.59 6.35 23.77
CA LEU B 188 17.61 6.61 22.72
C LEU B 188 17.11 8.05 22.74
N PHE B 189 16.85 8.57 21.55
CA PHE B 189 15.92 9.67 21.34
C PHE B 189 14.63 9.07 20.78
N CYS B 190 13.53 9.15 21.53
CA CYS B 190 12.30 8.50 21.09
C CYS B 190 11.62 9.35 20.02
N VAL B 191 11.61 8.85 18.79
CA VAL B 191 11.00 9.53 17.66
C VAL B 191 10.11 8.53 16.96
N HIS B 192 8.80 8.79 16.95
CA HIS B 192 7.82 7.89 16.35
C HIS B 192 7.59 8.28 14.91
N SER B 193 7.75 7.32 14.01
CA SER B 193 7.77 7.61 12.58
C SER B 193 6.48 8.29 12.15
N LYS B 194 6.62 9.23 11.22
CA LYS B 194 5.44 9.94 10.71
C LYS B 194 4.46 8.98 10.04
N LYS B 195 4.95 7.93 9.39
CA LYS B 195 4.07 6.95 8.76
C LYS B 195 3.24 6.21 9.80
N ARG B 196 3.92 5.59 10.77
CA ARG B 196 3.27 4.70 11.73
C ARG B 196 2.20 5.43 12.53
N LEU B 197 2.46 6.68 12.89
CA LEU B 197 1.60 7.42 13.78
C LEU B 197 0.19 7.45 13.23
N ASP B 198 -0.80 7.07 14.07
CA ASP B 198 -2.25 7.12 13.83
C ASP B 198 -2.99 5.88 14.33
N ASP B 199 -2.26 4.79 14.62
CA ASP B 199 -2.84 3.46 14.46
C ASP B 199 -3.95 3.16 15.46
N ILE B 200 -3.83 3.61 16.70
CA ILE B 200 -5.00 3.73 17.59
C ILE B 200 -5.04 5.12 18.09
N PRO B 201 -6.15 5.86 17.83
CA PRO B 201 -6.08 7.34 17.84
C PRO B 201 -5.85 7.97 19.20
N GLU B 202 -6.57 7.54 20.24
CA GLU B 202 -6.41 8.21 21.53
C GLU B 202 -5.03 8.00 22.15
N LEU B 203 -4.18 7.19 21.51
CA LEU B 203 -2.77 7.06 21.85
C LEU B 203 -1.86 7.52 20.71
N LYS B 204 -2.42 8.10 19.65
CA LYS B 204 -1.61 8.89 18.74
C LYS B 204 -1.19 10.20 19.38
N ALA B 205 -2.06 10.77 20.21
CA ALA B 205 -1.73 12.01 20.93
C ALA B 205 -0.45 11.85 21.73
N SER B 206 -0.32 10.72 22.43
CA SER B 206 0.85 10.47 23.25
C SER B 206 2.13 10.49 22.41
N LYS B 207 2.05 9.98 21.19
CA LYS B 207 3.23 9.90 20.33
C LYS B 207 3.58 11.25 19.71
N VAL B 208 2.56 12.04 19.36
CA VAL B 208 2.79 13.41 18.89
C VAL B 208 3.43 14.25 20.00
N ALA B 209 2.94 14.11 21.23
CA ALA B 209 3.58 14.82 22.33
C ALA B 209 5.02 14.36 22.55
N THR B 210 5.28 13.06 22.44
CA THR B 210 6.65 12.59 22.64
C THR B 210 7.58 13.16 21.58
N ASN B 211 7.14 13.17 20.32
CA ASN B 211 7.97 13.72 19.25
C ASN B 211 8.34 15.18 19.52
N ARG B 212 7.41 15.95 20.09
CA ARG B 212 7.70 17.36 20.38
C ARG B 212 8.69 17.50 21.53
N ARG B 213 8.58 16.68 22.58
CA ARG B 213 9.60 16.72 23.62
C ARG B 213 10.96 16.35 23.04
N THR B 214 10.98 15.34 22.17
CA THR B 214 12.25 14.84 21.67
C THR B 214 12.89 15.82 20.69
N LEU B 215 12.10 16.56 19.94
CA LEU B 215 12.69 17.63 19.15
C LEU B 215 13.41 18.63 20.05
N SER B 216 12.90 18.85 21.27
CA SER B 216 13.59 19.79 22.15
C SER B 216 14.80 19.15 22.81
N ALA B 217 14.66 17.90 23.26
CA ALA B 217 15.82 17.17 23.79
C ALA B 217 16.94 17.11 22.76
N MET B 218 16.62 16.84 21.50
CA MET B 218 17.66 16.77 20.47
C MET B 218 18.35 18.13 20.26
N THR B 219 17.56 19.19 20.17
CA THR B 219 18.15 20.53 20.05
C THR B 219 19.03 20.87 21.25
N LYS B 220 18.55 20.56 22.45
CA LYS B 220 19.35 20.86 23.64
C LYS B 220 20.62 20.03 23.66
N ALA B 221 20.48 18.70 23.64
CA ALA B 221 21.64 17.82 23.73
C ALA B 221 22.63 18.12 22.61
N LEU B 222 22.15 18.40 21.40
CA LEU B 222 23.07 18.65 20.29
C LEU B 222 23.80 19.98 20.47
N ASN B 223 23.12 20.97 21.05
CA ASN B 223 23.78 22.25 21.30
C ASN B 223 24.84 22.11 22.38
N GLU B 224 24.65 21.17 23.32
CA GLU B 224 25.66 20.84 24.30
C GLU B 224 26.86 20.08 23.72
N GLY B 225 26.75 19.48 22.53
CA GLY B 225 27.89 18.84 21.88
C GLY B 225 28.28 17.46 22.42
N GLY B 226 29.26 16.86 21.73
CA GLY B 226 29.70 15.51 22.04
C GLY B 226 28.70 14.41 21.79
N ARG B 227 27.72 14.61 20.91
CA ARG B 227 26.63 13.67 20.71
C ARG B 227 26.87 12.80 19.48
N LEU B 228 26.85 11.48 19.68
CA LEU B 228 26.87 10.51 18.59
C LEU B 228 25.46 9.97 18.37
N LEU B 229 24.87 10.29 17.22
CA LEU B 229 23.50 9.85 16.92
C LEU B 229 23.52 8.81 15.80
N TRP B 230 22.62 7.83 15.92
CA TRP B 230 22.34 6.83 14.89
C TRP B 230 20.90 7.01 14.49
N ILE B 231 20.64 7.02 13.19
CA ILE B 231 19.28 7.11 12.68
C ILE B 231 19.23 6.32 11.39
N ALA B 232 18.07 5.67 11.16
CA ALA B 232 17.77 4.97 9.94
C ALA B 232 16.83 5.83 9.15
N PRO B 233 17.31 6.59 8.15
CA PRO B 233 16.41 7.51 7.43
C PRO B 233 15.30 6.80 6.64
N SER B 234 15.40 5.49 6.41
CA SER B 234 14.26 4.79 5.82
C SER B 234 13.07 4.64 6.76
N GLY B 235 13.24 4.86 8.07
CA GLY B 235 12.10 4.77 8.97
C GLY B 235 11.77 3.38 9.48
N GLY B 236 12.61 2.40 9.25
CA GLY B 236 12.35 1.06 9.75
C GLY B 236 13.41 0.09 9.31
N ARG B 237 13.18 -1.17 9.63
CA ARG B 237 14.10 -2.21 9.18
C ARG B 237 14.02 -2.38 7.66
N ASP B 238 15.13 -2.80 7.06
CA ASP B 238 15.13 -3.03 5.62
C ASP B 238 14.16 -4.15 5.26
N ARG B 239 13.68 -4.10 4.01
CA ARG B 239 12.68 -5.01 3.50
C ARG B 239 13.28 -6.40 3.30
N PRO B 240 12.46 -7.40 3.01
CA PRO B 240 12.99 -8.77 2.87
C PRO B 240 14.01 -8.89 1.74
N GLN B 241 14.91 -9.86 1.89
CA GLN B 241 15.90 -10.16 0.86
C GLN B 241 15.23 -10.65 -0.42
N ALA B 242 15.94 -10.47 -1.53
CA ALA B 242 15.39 -10.65 -2.86
C ALA B 242 15.52 -12.09 -3.33
N ASP B 243 14.46 -12.58 -3.98
CA ASP B 243 14.57 -13.78 -4.80
C ASP B 243 15.65 -13.58 -5.86
N THR B 244 15.64 -12.41 -6.51
CA THR B 244 16.33 -12.15 -7.77
C THR B 244 17.27 -10.95 -7.63
N GLY B 245 18.40 -11.05 -8.34
CA GLY B 245 19.27 -9.91 -8.57
C GLY B 245 19.88 -9.24 -7.35
N ALA B 246 20.72 -8.25 -7.60
CA ALA B 246 21.45 -7.58 -6.51
C ALA B 246 20.52 -6.66 -5.73
N TRP B 247 20.69 -6.67 -4.40
CA TRP B 247 19.75 -6.08 -3.47
C TRP B 247 20.43 -4.91 -2.77
N HIS B 248 19.70 -3.81 -2.62
CA HIS B 248 20.18 -2.60 -1.96
C HIS B 248 19.27 -2.21 -0.79
N PRO B 249 19.83 -1.67 0.30
CA PRO B 249 18.98 -1.30 1.46
C PRO B 249 17.98 -0.22 1.08
N ASP B 250 16.90 -0.14 1.87
CA ASP B 250 15.79 0.77 1.60
C ASP B 250 16.27 2.22 1.46
N LYS B 251 15.51 3.01 0.68
CA LYS B 251 15.89 4.39 0.37
C LYS B 251 15.71 5.30 1.59
N PHE B 252 16.48 6.38 1.62
CA PHE B 252 16.44 7.35 2.72
C PHE B 252 15.36 8.40 2.45
N ASP B 253 14.44 8.56 3.39
CA ASP B 253 13.47 9.65 3.30
C ASP B 253 14.19 10.98 3.45
N PRO B 254 14.07 11.91 2.50
CA PRO B 254 14.74 13.21 2.66
C PRO B 254 14.22 14.04 3.81
N THR B 255 12.99 13.79 4.28
CA THR B 255 12.53 14.47 5.49
C THR B 255 13.37 14.10 6.69
N ALA B 256 13.82 12.83 6.76
CA ALA B 256 14.62 12.37 7.88
C ALA B 256 16.03 12.94 7.82
N VAL B 257 16.68 12.81 6.66
CA VAL B 257 18.01 13.40 6.46
C VAL B 257 17.99 14.89 6.75
N GLU B 258 16.91 15.57 6.38
CA GLU B 258 16.85 17.02 6.58
C GLU B 258 16.68 17.39 8.05
N LEU B 259 15.95 16.58 8.82
CA LEU B 259 15.86 16.83 10.25
C LEU B 259 17.25 16.82 10.89
N MET B 260 18.05 15.80 10.57
CA MET B 260 19.39 15.74 11.11
C MET B 260 20.23 16.90 10.62
N ARG B 261 20.16 17.20 9.31
CA ARG B 261 21.00 18.24 8.74
C ARG B 261 20.77 19.58 9.44
N GLN B 262 19.51 19.97 9.60
CA GLN B 262 19.24 21.29 10.18
C GLN B 262 19.40 21.31 11.70
N LEU B 263 19.22 20.17 12.38
CA LEU B 263 19.51 20.13 13.81
C LEU B 263 21.00 20.37 14.06
N LEU B 264 21.86 19.76 13.23
CA LEU B 264 23.29 19.99 13.34
C LEU B 264 23.67 21.43 13.00
N SER B 265 22.88 22.10 12.13
CA SER B 265 23.15 23.49 11.78
C SER B 265 22.79 24.43 12.93
N ARG B 266 21.54 24.38 13.39
CA ARG B 266 21.04 25.12 14.55
C ARG B 266 22.01 25.10 15.73
N SER B 267 22.78 24.02 15.87
CA SER B 267 23.62 23.81 17.05
C SER B 267 24.90 24.61 16.98
N ALA B 268 25.37 25.07 18.14
CA ALA B 268 26.65 25.75 18.21
C ALA B 268 27.83 24.87 17.79
N PRO B 269 27.98 23.65 18.29
CA PRO B 269 29.14 22.84 17.89
C PRO B 269 29.11 22.48 16.42
N LYS B 270 30.32 22.27 15.88
CA LYS B 270 30.51 21.64 14.58
C LYS B 270 29.67 20.38 14.49
N GLY B 271 29.07 20.14 13.32
CA GLY B 271 28.31 18.93 13.09
C GLY B 271 28.81 18.18 11.87
N HIS B 272 28.68 16.86 11.91
CA HIS B 272 29.13 16.00 10.83
C HIS B 272 28.10 14.91 10.55
N LEU B 273 27.87 14.67 9.27
CA LEU B 273 26.94 13.65 8.77
C LEU B 273 27.75 12.56 8.09
N TYR B 274 27.60 11.32 8.57
CA TYR B 274 28.29 10.21 7.93
C TYR B 274 27.28 9.19 7.43
N PRO B 275 27.41 8.72 6.20
CA PRO B 275 26.67 7.52 5.78
C PRO B 275 27.25 6.29 6.46
N PHE B 276 26.37 5.39 6.91
CA PHE B 276 26.76 4.25 7.73
C PHE B 276 26.09 2.99 7.20
N ALA B 277 26.89 1.96 6.94
CA ALA B 277 26.40 0.69 6.41
C ALA B 277 26.42 -0.36 7.51
N MET B 278 25.30 -1.05 7.70
CA MET B 278 25.24 -2.24 8.55
C MET B 278 24.73 -3.43 7.76
N TYR B 279 25.48 -4.54 7.83
CA TYR B 279 25.06 -5.82 7.28
C TYR B 279 24.70 -6.72 8.47
N SER B 280 23.41 -7.01 8.64
CA SER B 280 22.99 -7.76 9.82
C SER B 280 21.70 -8.53 9.64
N TRP B 281 21.09 -8.53 8.45
CA TRP B 281 19.77 -9.16 8.31
C TRP B 281 19.80 -10.63 8.63
N GLU B 282 20.95 -11.28 8.49
CA GLU B 282 21.00 -12.74 8.64
C GLU B 282 20.77 -13.20 10.08
N LEU B 283 21.16 -12.38 11.08
CA LEU B 283 20.94 -12.70 12.49
C LEU B 283 19.46 -12.87 12.82
N MET B 284 18.64 -11.91 12.42
CA MET B 284 17.23 -11.87 12.81
C MET B 284 16.41 -11.25 11.69
N PRO B 285 16.15 -11.99 10.62
CA PRO B 285 15.29 -11.48 9.56
C PRO B 285 13.89 -11.22 10.11
N PRO B 286 13.29 -10.06 9.81
CA PRO B 286 11.91 -9.80 10.26
C PRO B 286 10.86 -10.44 9.37
N ARG B 297 7.17 -12.77 15.84
CA ARG B 297 8.02 -13.94 15.69
C ARG B 297 9.46 -13.53 15.39
N ARG B 298 10.40 -14.21 16.03
CA ARG B 298 11.79 -13.83 16.01
C ARG B 298 12.60 -15.01 15.48
N LEU B 299 12.75 -15.05 14.15
CA LEU B 299 13.75 -15.92 13.56
C LEU B 299 15.14 -15.48 14.03
N THR B 300 15.98 -16.46 14.31
CA THR B 300 17.34 -16.18 14.77
C THR B 300 18.27 -17.19 14.12
N HIS B 301 19.43 -16.70 13.67
CA HIS B 301 20.47 -17.57 13.13
C HIS B 301 21.82 -17.10 13.64
N PHE B 302 22.73 -18.06 13.77
CA PHE B 302 24.15 -17.79 14.03
C PHE B 302 24.75 -17.33 12.71
N ALA B 303 24.99 -16.03 12.59
CA ALA B 303 25.35 -15.49 11.29
C ALA B 303 26.41 -14.41 11.43
N GLY B 304 27.06 -14.10 10.30
CA GLY B 304 28.04 -13.04 10.26
C GLY B 304 27.41 -11.67 10.01
N THR B 305 28.13 -10.63 10.44
CA THR B 305 27.63 -9.27 10.43
C THR B 305 28.79 -8.34 10.10
N GLY B 306 28.45 -7.13 9.71
CA GLY B 306 29.49 -6.13 9.53
C GLY B 306 28.90 -4.75 9.71
N ILE B 307 29.78 -3.82 10.01
CA ILE B 307 29.48 -2.40 9.94
C ILE B 307 30.63 -1.73 9.22
N SER B 308 30.33 -0.60 8.60
CA SER B 308 31.37 0.29 8.11
C SER B 308 30.74 1.67 7.97
N VAL B 309 31.57 2.69 8.06
CA VAL B 309 31.13 4.07 7.97
C VAL B 309 31.83 4.72 6.78
N CYS B 310 31.08 5.44 5.97
CA CYS B 310 31.64 6.03 4.77
C CYS B 310 32.13 7.46 5.03
N LYS B 311 32.75 8.04 4.00
CA LYS B 311 33.39 9.34 4.14
C LYS B 311 32.34 10.39 4.49
N GLU B 312 32.78 11.42 5.20
CA GLU B 312 31.86 12.43 5.66
C GLU B 312 31.26 13.20 4.48
N LEU B 313 29.97 13.49 4.57
CA LEU B 313 29.24 14.19 3.53
C LEU B 313 29.52 15.69 3.59
N ASP B 314 30.06 16.25 2.50
CA ASP B 314 30.26 17.69 2.37
C ASP B 314 28.97 18.26 1.79
N VAL B 315 28.13 18.84 2.66
CA VAL B 315 26.77 19.15 2.25
C VAL B 315 26.75 20.19 1.14
N ASP B 316 27.55 21.26 1.27
CA ASP B 316 27.50 22.32 0.28
C ASP B 316 28.02 21.83 -1.07
N SER B 317 29.09 21.03 -1.08
CA SER B 317 29.55 20.50 -2.35
C SER B 317 28.47 19.68 -3.04
N ILE B 318 27.60 19.04 -2.27
CA ILE B 318 26.63 18.07 -2.79
C ILE B 318 25.40 18.77 -3.37
N VAL B 319 24.96 19.87 -2.76
CA VAL B 319 23.66 20.46 -3.07
C VAL B 319 23.75 21.84 -3.72
N SER B 320 24.93 22.47 -3.71
CA SER B 320 25.03 23.89 -4.07
C SER B 320 24.57 24.17 -5.49
N SER B 321 24.65 23.17 -6.38
CA SER B 321 24.27 23.34 -7.77
C SER B 321 22.78 23.60 -7.94
N ALA B 322 21.94 23.19 -6.99
CA ALA B 322 20.53 23.50 -7.02
C ALA B 322 20.28 24.80 -6.27
N ALA B 323 19.45 25.66 -6.86
CA ALA B 323 19.15 26.97 -6.28
C ALA B 323 18.63 26.84 -4.86
N VAL B 324 18.96 27.83 -4.02
CA VAL B 324 18.63 27.75 -2.59
C VAL B 324 17.12 27.72 -2.36
N GLU B 325 16.34 28.30 -3.27
CA GLU B 325 14.88 28.26 -3.12
C GLU B 325 14.33 26.86 -3.34
N ASP B 326 15.11 25.97 -3.97
CA ASP B 326 14.61 24.67 -4.38
C ASP B 326 14.87 23.66 -3.26
N LYS B 327 13.99 23.72 -2.25
CA LYS B 327 14.16 22.89 -1.06
C LYS B 327 14.04 21.40 -1.38
N ALA B 328 13.06 21.04 -2.20
CA ALA B 328 12.85 19.63 -2.53
C ALA B 328 14.09 19.04 -3.19
N THR B 329 14.59 19.70 -4.25
CA THR B 329 15.80 19.20 -4.91
C THR B 329 17.00 19.19 -3.97
N ARG B 330 17.10 20.20 -3.10
CA ARG B 330 18.24 20.26 -2.20
C ARG B 330 18.20 19.12 -1.19
N GLN B 331 17.02 18.82 -0.64
CA GLN B 331 16.89 17.72 0.31
C GLN B 331 17.02 16.35 -0.38
N GLN B 332 16.56 16.24 -1.63
CA GLN B 332 16.68 14.96 -2.32
C GLN B 332 18.12 14.67 -2.68
N LEU B 333 18.89 15.71 -3.04
CA LEU B 333 20.29 15.49 -3.33
C LEU B 333 21.03 14.94 -2.12
N LEU B 334 20.77 15.52 -0.93
CA LEU B 334 21.44 15.06 0.28
C LEU B 334 21.05 13.61 0.60
N ALA B 335 19.75 13.32 0.64
CA ALA B 335 19.30 11.95 0.93
C ALA B 335 19.90 10.95 -0.07
N THR B 336 19.89 11.31 -1.36
CA THR B 336 20.37 10.38 -2.36
C THR B 336 21.86 10.13 -2.22
N ALA B 337 22.66 11.18 -2.01
CA ALA B 337 24.09 10.99 -1.87
C ALA B 337 24.42 10.14 -0.65
N ALA B 338 23.69 10.36 0.46
CA ALA B 338 23.87 9.53 1.66
C ALA B 338 23.46 8.08 1.40
N TRP B 339 22.32 7.87 0.74
CA TRP B 339 21.89 6.50 0.52
C TRP B 339 22.80 5.77 -0.48
N GLN B 340 23.30 6.48 -1.49
CA GLN B 340 24.20 5.83 -2.43
C GLN B 340 25.50 5.41 -1.75
N ALA B 341 26.04 6.27 -0.87
CA ALA B 341 27.21 5.86 -0.13
C ALA B 341 26.94 4.63 0.75
N VAL B 342 25.76 4.58 1.38
CA VAL B 342 25.41 3.41 2.19
C VAL B 342 25.23 2.18 1.29
N SER B 343 24.45 2.34 0.20
CA SER B 343 24.24 1.24 -0.74
C SER B 343 25.56 0.63 -1.21
N ASP B 344 26.48 1.48 -1.68
CA ASP B 344 27.73 0.95 -2.24
C ASP B 344 28.57 0.25 -1.17
N GLU B 345 28.69 0.86 0.01
CA GLU B 345 29.47 0.24 1.07
C GLU B 345 28.83 -1.06 1.55
N TYR B 346 27.50 -1.09 1.63
CA TYR B 346 26.78 -2.31 1.95
C TYR B 346 27.20 -3.46 1.04
N ALA B 347 27.27 -3.19 -0.27
CA ALA B 347 27.58 -4.25 -1.21
C ALA B 347 28.92 -4.92 -0.88
N ILE B 348 29.93 -4.13 -0.51
CA ILE B 348 31.22 -4.70 -0.15
C ILE B 348 31.12 -5.48 1.17
N LEU B 349 30.30 -4.98 2.12
CA LEU B 349 30.10 -5.71 3.37
C LEU B 349 29.50 -7.08 3.11
N GLU B 350 28.43 -7.12 2.31
CA GLU B 350 27.84 -8.40 1.92
C GLU B 350 28.86 -9.30 1.24
N GLU B 351 29.83 -8.69 0.54
CA GLU B 351 30.87 -9.45 -0.14
C GLU B 351 31.83 -10.11 0.84
N VAL B 352 32.41 -9.31 1.75
CA VAL B 352 33.47 -9.85 2.60
C VAL B 352 32.92 -10.79 3.65
N ILE B 353 31.66 -10.62 4.05
CA ILE B 353 31.06 -11.53 5.02
C ILE B 353 30.67 -12.85 4.36
N GLY B 354 30.42 -12.83 3.05
CA GLY B 354 30.03 -14.06 2.35
C GLY B 354 31.15 -15.07 2.23
N SER B 355 32.36 -14.63 1.93
CA SER B 355 33.49 -15.55 1.75
C SER B 355 34.66 -15.18 2.64
N GLU B 356 35.27 -16.18 3.27
CA GLU B 356 36.50 -15.92 4.01
C GLU B 356 37.60 -15.40 3.08
N ASP B 357 37.52 -15.70 1.78
CA ASP B 357 38.55 -15.25 0.85
C ASP B 357 38.42 -13.76 0.55
N ALA B 358 37.20 -13.26 0.34
CA ALA B 358 37.02 -11.84 0.10
C ALA B 358 37.54 -11.02 1.26
N ARG B 359 37.35 -11.51 2.50
CA ARG B 359 37.75 -10.72 3.65
C ARG B 359 39.26 -10.51 3.68
N ARG B 360 40.05 -11.53 3.35
CA ARG B 360 41.50 -11.38 3.41
C ARG B 360 42.01 -10.46 2.29
N GLN B 361 41.36 -10.47 1.12
CA GLN B 361 41.80 -9.57 0.04
C GLN B 361 41.62 -8.10 0.41
N ARG B 362 40.71 -7.79 1.31
CA ARG B 362 40.49 -6.42 1.76
C ARG B 362 40.68 -6.31 3.26
N SER B 363 41.55 -7.16 3.83
CA SER B 363 41.76 -7.24 5.27
C SER B 363 42.36 -5.97 5.86
N ASP B 364 42.87 -5.05 5.04
CA ASP B 364 43.41 -3.81 5.57
C ASP B 364 42.32 -2.77 5.84
N VAL B 365 41.17 -2.86 5.17
CA VAL B 365 40.07 -1.93 5.37
C VAL B 365 38.98 -2.53 6.24
N TYR B 366 38.72 -3.83 6.08
CA TYR B 366 37.65 -4.54 6.77
C TYR B 366 38.28 -5.51 7.76
N GLN B 367 38.39 -5.08 9.02
CA GLN B 367 39.22 -5.76 10.00
C GLN B 367 38.38 -6.59 10.97
N GLN B 368 39.06 -7.50 11.68
CA GLN B 368 38.48 -8.29 12.76
C GLN B 368 39.24 -7.98 14.05
N PRO B 369 39.01 -6.80 14.64
CA PRO B 369 39.82 -6.38 15.79
C PRO B 369 39.75 -7.31 16.98
N TRP B 370 38.71 -8.15 17.08
CA TRP B 370 38.53 -9.03 18.24
C TRP B 370 39.46 -10.23 18.25
N ALA B 371 40.00 -10.61 17.10
CA ALA B 371 40.70 -11.89 16.96
C ALA B 371 42.20 -11.69 16.82
N MET C 1 40.08 10.41 -19.15
CA MET C 1 39.38 11.63 -19.53
C MET C 1 40.34 12.82 -19.72
N ALA C 2 41.59 12.65 -19.31
CA ALA C 2 42.52 13.77 -19.27
C ALA C 2 42.89 14.29 -20.66
N GLN C 3 42.99 13.39 -21.65
CA GLN C 3 43.37 13.77 -23.01
C GLN C 3 42.24 14.37 -23.84
N VAL C 4 40.98 14.26 -23.40
CA VAL C 4 39.84 14.64 -24.23
C VAL C 4 39.68 16.16 -24.29
N VAL C 5 39.79 16.71 -25.50
CA VAL C 5 39.50 18.12 -25.71
C VAL C 5 38.00 18.33 -25.64
N ARG C 6 37.58 19.35 -24.90
CA ARG C 6 36.16 19.53 -24.63
C ARG C 6 35.88 20.98 -24.29
N GLN C 7 34.62 21.37 -24.53
CA GLN C 7 34.19 22.72 -24.17
C GLN C 7 32.79 22.65 -23.58
N LYS C 8 31.79 22.90 -24.43
CA LYS C 8 30.41 23.01 -24.05
C LYS C 8 29.59 21.92 -24.73
N PHE C 9 28.47 21.56 -24.10
CA PHE C 9 27.61 20.51 -24.65
C PHE C 9 27.20 20.84 -26.08
N LYS C 10 26.93 22.10 -26.38
CA LYS C 10 26.65 22.59 -27.72
C LYS C 10 27.60 22.02 -28.78
N ASP C 11 28.88 21.86 -28.45
CA ASP C 11 29.87 21.43 -29.45
C ASP C 11 30.18 19.94 -29.41
N VAL C 12 29.51 19.16 -28.57
CA VAL C 12 29.91 17.77 -28.38
C VAL C 12 29.48 16.93 -29.57
N THR C 13 30.34 16.02 -30.00
CA THR C 13 29.99 15.14 -31.11
C THR C 13 30.37 13.69 -30.85
N THR C 14 30.90 13.35 -29.68
CA THR C 14 31.29 11.99 -29.39
C THR C 14 30.88 11.67 -27.97
N GLU C 15 30.75 10.37 -27.69
CA GLU C 15 30.43 9.91 -26.34
C GLU C 15 31.50 10.35 -25.34
N GLN C 16 32.76 10.34 -25.76
CA GLN C 16 33.84 10.73 -24.85
C GLN C 16 33.81 12.23 -24.59
N GLU C 17 33.63 13.03 -25.63
CA GLU C 17 33.48 14.47 -25.39
C GLU C 17 32.33 14.75 -24.43
N PHE C 18 31.20 14.04 -24.59
CA PHE C 18 30.02 14.22 -23.73
C PHE C 18 30.35 14.00 -22.27
N PHE C 19 30.97 12.87 -21.94
CA PHE C 19 31.24 12.60 -20.54
C PHE C 19 32.35 13.48 -20.00
N ALA C 20 33.26 13.92 -20.88
CA ALA C 20 34.28 14.89 -20.48
C ALA C 20 33.65 16.24 -20.13
N VAL C 21 32.73 16.74 -20.99
CA VAL C 21 32.05 18.00 -20.66
C VAL C 21 31.26 17.85 -19.38
N LEU C 22 30.52 16.74 -19.22
CA LEU C 22 29.70 16.57 -18.03
C LEU C 22 30.56 16.53 -16.77
N GLN C 23 31.69 15.83 -16.83
CA GLN C 23 32.73 15.91 -15.79
C GLN C 23 33.04 17.36 -15.42
N ASP C 24 33.40 18.16 -16.44
CA ASP C 24 33.73 19.56 -16.21
C ASP C 24 32.58 20.28 -15.52
N GLU C 25 31.35 20.08 -16.01
CA GLU C 25 30.22 20.80 -15.45
C GLU C 25 29.99 20.42 -13.99
N ILE C 26 30.24 19.16 -13.63
CA ILE C 26 30.13 18.77 -12.23
C ILE C 26 31.25 19.38 -11.40
N ALA C 27 32.46 19.46 -11.97
CA ALA C 27 33.57 20.09 -11.26
C ALA C 27 33.27 21.55 -10.93
N GLN C 28 32.69 22.30 -11.87
CA GLN C 28 32.32 23.69 -11.59
C GLN C 28 31.11 23.80 -10.66
N GLY C 29 30.51 22.69 -10.24
CA GLY C 29 29.32 22.76 -9.42
C GLY C 29 28.09 23.29 -10.12
N HIS C 30 27.97 23.10 -11.44
CA HIS C 30 26.77 23.50 -12.16
C HIS C 30 25.65 22.46 -12.10
N VAL C 31 26.00 21.19 -11.88
CA VAL C 31 25.01 20.12 -11.71
C VAL C 31 25.53 19.18 -10.62
N PRO C 32 24.62 18.40 -10.04
CA PRO C 32 25.06 17.46 -8.98
C PRO C 32 25.90 16.31 -9.52
N LYS C 33 26.72 15.74 -8.66
CA LYS C 33 27.67 14.73 -9.12
C LYS C 33 26.95 13.42 -9.44
N LEU C 34 25.83 13.16 -8.80
CA LEU C 34 25.16 11.92 -9.17
C LEU C 34 24.45 12.00 -10.53
N LEU C 35 24.64 13.09 -11.29
CA LEU C 35 24.23 13.07 -12.68
C LEU C 35 25.14 12.22 -13.53
N MET C 36 26.37 11.97 -13.08
CA MET C 36 27.29 11.10 -13.84
C MET C 36 26.79 9.66 -13.88
N PRO C 37 26.46 8.99 -12.76
CA PRO C 37 25.88 7.65 -12.89
C PRO C 37 24.55 7.63 -13.63
N ALA C 38 23.66 8.59 -13.33
CA ALA C 38 22.41 8.73 -14.06
C ALA C 38 22.65 8.80 -15.57
N PHE C 39 23.56 9.68 -16.01
CA PHE C 39 23.78 9.81 -17.45
C PHE C 39 24.61 8.67 -18.01
N GLN C 40 25.48 8.04 -17.19
CA GLN C 40 26.11 6.82 -17.66
C GLN C 40 25.07 5.77 -18.00
N ASP C 41 24.14 5.51 -17.07
CA ASP C 41 23.08 4.55 -17.35
C ASP C 41 22.22 5.00 -18.53
N PHE C 42 21.71 6.23 -18.48
CA PHE C 42 20.87 6.77 -19.55
C PHE C 42 21.55 6.66 -20.91
N TYR C 43 22.78 7.15 -21.01
CA TYR C 43 23.49 7.12 -22.30
C TYR C 43 23.56 5.69 -22.84
N ASN C 44 23.93 4.73 -22.00
CA ASN C 44 24.08 3.35 -22.48
C ASN C 44 22.76 2.82 -23.05
N ASN C 45 21.68 2.94 -22.28
CA ASN C 45 20.38 2.47 -22.77
C ASN C 45 20.00 3.16 -24.08
N TYR C 46 20.13 4.49 -24.11
CA TYR C 46 19.62 5.23 -25.24
C TYR C 46 20.47 4.98 -26.49
N LYS C 47 21.79 4.88 -26.31
CA LYS C 47 22.65 4.55 -27.42
C LYS C 47 22.37 3.14 -27.95
N THR C 48 22.20 2.16 -27.06
CA THR C 48 21.82 0.83 -27.50
C THR C 48 20.55 0.87 -28.34
N ALA C 49 19.51 1.52 -27.80
CA ALA C 49 18.22 1.55 -28.49
C ALA C 49 18.36 2.22 -29.84
N VAL C 50 19.00 3.39 -29.88
CA VAL C 50 19.10 4.13 -31.14
C VAL C 50 19.96 3.37 -32.13
N LEU C 51 21.12 2.87 -31.67
CA LEU C 51 22.05 2.22 -32.58
C LEU C 51 21.52 0.90 -33.12
N GLY C 52 20.68 0.21 -32.35
CA GLY C 52 20.05 -1.00 -32.86
C GLY C 52 18.86 -0.77 -33.76
N SER C 53 18.41 0.49 -33.87
CA SER C 53 17.10 0.76 -34.46
C SER C 53 17.10 0.62 -35.98
N GLY C 54 18.23 0.83 -36.64
CA GLY C 54 18.27 0.71 -38.08
C GLY C 54 17.77 1.90 -38.84
N VAL C 55 17.38 2.97 -38.16
CA VAL C 55 16.91 4.17 -38.87
C VAL C 55 18.09 4.82 -39.58
N PRO C 56 17.91 5.40 -40.77
CA PRO C 56 19.05 5.99 -41.48
C PRO C 56 19.59 7.20 -40.74
N GLY C 57 20.91 7.21 -40.52
CA GLY C 57 21.52 8.26 -39.74
C GLY C 57 21.44 8.07 -38.24
N ALA C 58 20.96 6.92 -37.77
CA ALA C 58 20.89 6.62 -36.34
C ALA C 58 22.25 6.07 -35.91
N ASP C 59 23.22 6.96 -35.84
CA ASP C 59 24.59 6.59 -35.50
C ASP C 59 25.05 7.25 -34.20
N GLU C 60 26.31 6.99 -33.86
CA GLU C 60 26.84 7.43 -32.57
C GLU C 60 26.90 8.94 -32.49
N ALA C 61 27.09 9.62 -33.63
CA ALA C 61 27.07 11.07 -33.66
C ALA C 61 25.68 11.61 -33.38
N LEU C 62 24.66 11.00 -33.99
CA LEU C 62 23.30 11.36 -33.63
C LEU C 62 23.07 11.16 -32.14
N VAL C 63 23.56 10.05 -31.58
CA VAL C 63 23.36 9.76 -30.16
C VAL C 63 23.97 10.85 -29.31
N ALA C 64 25.24 11.19 -29.61
CA ALA C 64 25.95 12.21 -28.84
C ALA C 64 25.25 13.56 -28.98
N LYS C 65 24.75 13.87 -30.18
CA LYS C 65 24.03 15.13 -30.36
C LYS C 65 22.79 15.21 -29.46
N ILE C 66 21.92 14.18 -29.49
CA ILE C 66 20.71 14.20 -28.67
C ILE C 66 21.06 14.24 -27.18
N MET C 67 21.99 13.39 -26.76
CA MET C 67 22.33 13.31 -25.34
C MET C 67 22.91 14.63 -24.85
N SER C 68 23.67 15.30 -25.71
CA SER C 68 24.24 16.60 -25.36
C SER C 68 23.16 17.65 -25.21
N ALA C 69 22.17 17.67 -26.10
CA ALA C 69 21.06 18.62 -25.94
C ALA C 69 20.33 18.42 -24.61
N ILE C 70 20.07 17.16 -24.23
CA ILE C 70 19.42 16.87 -22.97
C ILE C 70 20.26 17.40 -21.81
N ALA C 71 21.54 17.00 -21.76
CA ALA C 71 22.44 17.44 -20.71
C ALA C 71 22.58 18.96 -20.67
N ASP C 72 22.69 19.59 -21.86
CA ASP C 72 22.73 21.04 -21.95
C ASP C 72 21.51 21.68 -21.31
N ARG C 73 20.30 21.18 -21.61
CA ARG C 73 19.10 21.75 -21.00
C ARG C 73 19.00 21.41 -19.51
N SER C 74 19.49 20.24 -19.10
CA SER C 74 19.49 19.92 -17.67
C SER C 74 20.36 20.91 -16.90
N VAL C 75 21.57 21.17 -17.43
CA VAL C 75 22.47 22.15 -16.84
C VAL C 75 21.78 23.50 -16.73
N HIS C 76 21.17 23.95 -17.84
CA HIS C 76 20.45 25.22 -17.81
C HIS C 76 19.38 25.26 -16.74
N GLU C 77 18.73 24.12 -16.44
CA GLU C 77 17.70 24.10 -15.41
C GLU C 77 18.26 24.21 -13.99
N PHE C 78 19.42 23.60 -13.71
CA PHE C 78 20.05 23.81 -12.41
C PHE C 78 20.57 25.24 -12.27
N VAL C 79 21.21 25.77 -13.32
CA VAL C 79 21.91 27.05 -13.25
C VAL C 79 20.92 28.22 -13.28
N GLU C 80 19.85 28.10 -14.05
CA GLU C 80 18.84 29.15 -14.22
C GLU C 80 17.45 28.53 -14.22
N PRO C 81 17.00 28.07 -13.07
CA PRO C 81 15.77 27.26 -13.04
C PRO C 81 14.53 28.01 -13.48
N TYR C 82 13.73 27.34 -14.31
CA TYR C 82 12.45 27.87 -14.77
C TYR C 82 11.33 27.47 -13.81
N THR C 83 10.49 28.42 -13.47
CA THR C 83 9.29 28.12 -12.69
C THR C 83 8.12 28.02 -13.65
N PHE C 84 7.39 26.94 -13.60
CA PHE C 84 6.22 26.84 -14.46
C PHE C 84 5.16 27.78 -13.90
N PRO C 85 4.55 28.61 -14.72
CA PRO C 85 3.35 29.33 -14.27
C PRO C 85 2.18 28.36 -14.19
N SER C 86 1.00 28.84 -13.84
CA SER C 86 -0.15 27.93 -13.76
C SER C 86 -0.65 27.54 -15.15
N PHE C 87 -0.68 28.49 -16.08
CA PHE C 87 -1.00 28.22 -17.48
C PHE C 87 0.30 28.45 -18.26
N HIS C 88 1.06 27.38 -18.43
CA HIS C 88 2.35 27.44 -19.10
C HIS C 88 2.18 27.26 -20.61
N HIS C 89 2.93 28.05 -21.37
CA HIS C 89 2.86 28.01 -22.82
C HIS C 89 4.15 27.47 -23.38
N ARG C 90 4.04 26.75 -24.51
CA ARG C 90 5.19 26.21 -25.21
C ARG C 90 6.29 27.26 -25.34
N ILE C 91 7.49 26.92 -24.88
CA ILE C 91 8.64 27.81 -25.02
C ILE C 91 9.31 27.43 -26.33
N LEU C 92 9.30 28.35 -27.32
CA LEU C 92 9.86 28.06 -28.63
C LEU C 92 11.05 28.94 -28.98
N GLU C 93 11.37 29.95 -28.17
CA GLU C 93 12.37 30.96 -28.47
C GLU C 93 12.85 31.48 -27.13
N PRO C 94 14.17 31.77 -26.98
CA PRO C 94 15.18 31.55 -28.02
C PRO C 94 15.65 30.08 -28.14
N TYR C 95 15.27 29.21 -27.19
CA TYR C 95 15.50 27.77 -27.31
C TYR C 95 14.16 27.09 -27.57
N ASN C 96 14.08 26.31 -28.66
CA ASN C 96 12.85 25.59 -28.98
C ASN C 96 12.81 24.29 -28.18
N TYR C 97 12.17 24.35 -27.02
CA TYR C 97 11.97 23.17 -26.19
C TYR C 97 11.01 22.18 -26.83
N TYR C 98 9.99 22.66 -27.54
CA TYR C 98 9.08 21.76 -28.24
C TYR C 98 9.85 20.83 -29.19
N GLN C 99 10.75 21.41 -30.01
CA GLN C 99 11.50 20.65 -30.99
C GLN C 99 12.56 19.77 -30.33
N PHE C 100 13.16 20.25 -29.23
CA PHE C 100 14.02 19.42 -28.40
C PHE C 100 13.32 18.11 -28.00
N GLY C 101 12.09 18.22 -27.46
CA GLY C 101 11.35 17.02 -27.11
C GLY C 101 10.92 16.21 -28.32
N GLN C 102 10.54 16.88 -29.42
CA GLN C 102 10.16 16.16 -30.63
C GLN C 102 11.30 15.31 -31.16
N ASN C 103 12.54 15.81 -31.09
CA ASN C 103 13.69 15.11 -31.63
C ASN C 103 14.09 13.90 -30.79
N TYR C 104 14.13 14.04 -29.46
CA TYR C 104 14.41 12.90 -28.60
C TYR C 104 13.49 11.72 -28.95
N VAL C 105 12.18 11.94 -28.88
CA VAL C 105 11.22 10.84 -29.03
C VAL C 105 11.24 10.29 -30.46
N ARG C 106 11.47 11.14 -31.47
CA ARG C 106 11.45 10.63 -32.84
C ARG C 106 12.51 9.56 -33.05
N THR C 107 13.65 9.66 -32.37
CA THR C 107 14.68 8.62 -32.47
C THR C 107 14.27 7.30 -31.83
N LEU C 108 13.30 7.32 -30.92
CA LEU C 108 12.89 6.09 -30.24
C LEU C 108 11.61 5.50 -30.80
N LEU C 109 10.83 6.27 -31.56
CA LEU C 109 9.53 5.86 -32.07
C LEU C 109 9.73 5.08 -33.37
N ASP C 110 9.39 3.80 -33.35
CA ASP C 110 9.44 2.99 -34.57
C ASP C 110 8.20 3.31 -35.39
N PHE C 111 8.33 4.24 -36.34
CA PHE C 111 7.18 4.64 -37.13
C PHE C 111 6.64 3.49 -37.97
N SER C 112 7.49 2.51 -38.29
CA SER C 112 7.04 1.39 -39.14
C SER C 112 6.08 0.45 -38.42
N LYS C 113 6.07 0.47 -37.08
CA LYS C 113 5.14 -0.34 -36.30
C LYS C 113 4.00 0.47 -35.68
N SER C 114 3.93 1.78 -35.94
CA SER C 114 3.04 2.70 -35.24
C SER C 114 1.79 2.99 -36.05
N VAL C 115 0.72 3.36 -35.35
CA VAL C 115 -0.58 3.65 -35.97
C VAL C 115 -1.26 4.83 -35.30
N VAL C 116 -2.15 5.47 -36.05
CA VAL C 116 -3.11 6.46 -35.55
C VAL C 116 -4.51 5.95 -35.86
N GLY C 117 -5.28 5.61 -34.84
CA GLY C 117 -6.64 5.13 -35.03
C GLY C 117 -7.64 6.27 -35.10
N HIS C 118 -8.65 6.10 -35.97
CA HIS C 118 -9.80 7.02 -36.03
C HIS C 118 -9.40 8.43 -36.41
N LEU C 119 -8.70 8.57 -37.54
CA LEU C 119 -8.34 9.90 -38.01
C LEU C 119 -9.57 10.78 -38.25
N ALA C 120 -10.67 10.19 -38.75
CA ALA C 120 -11.89 10.96 -38.97
C ALA C 120 -12.46 11.54 -37.67
N ARG C 121 -12.30 10.82 -36.55
CA ARG C 121 -12.71 11.38 -35.27
C ARG C 121 -11.82 12.55 -34.87
N PHE C 122 -10.50 12.47 -35.15
CA PHE C 122 -9.63 13.63 -34.95
C PHE C 122 -10.07 14.82 -35.81
N ASP C 123 -10.59 14.58 -37.01
CA ASP C 123 -11.10 15.68 -37.85
C ASP C 123 -12.21 16.44 -37.15
N GLU C 124 -13.15 15.72 -36.53
CA GLU C 124 -14.26 16.36 -35.83
C GLU C 124 -13.76 17.17 -34.64
N ILE C 125 -12.79 16.62 -33.90
CA ILE C 125 -12.18 17.37 -32.81
C ILE C 125 -11.56 18.66 -33.33
N GLU C 126 -10.91 18.61 -34.49
CA GLU C 126 -10.41 19.85 -35.09
C GLU C 126 -11.54 20.80 -35.48
N GLN C 127 -12.62 20.28 -36.08
CA GLN C 127 -13.78 21.12 -36.35
C GLN C 127 -14.28 21.79 -35.08
N GLN C 128 -14.45 21.00 -34.01
CA GLN C 128 -14.96 21.56 -32.76
C GLN C 128 -14.02 22.64 -32.22
N ILE C 129 -12.71 22.38 -32.22
CA ILE C 129 -11.78 23.41 -31.76
C ILE C 129 -11.88 24.65 -32.65
N ALA C 130 -11.94 24.42 -33.98
CA ALA C 130 -12.08 25.52 -34.93
C ALA C 130 -13.33 26.33 -34.64
N ALA C 131 -14.44 25.64 -34.35
CA ALA C 131 -15.71 26.27 -33.99
C ALA C 131 -15.69 26.86 -32.60
N GLY C 132 -14.55 26.88 -31.92
CA GLY C 132 -14.43 27.50 -30.61
C GLY C 132 -14.89 26.66 -29.45
N GLU C 133 -15.07 25.36 -29.67
CA GLU C 133 -15.48 24.47 -28.59
C GLU C 133 -14.26 24.06 -27.76
N ASN C 134 -14.53 23.36 -26.65
CA ASN C 134 -13.49 22.80 -25.81
C ASN C 134 -13.55 21.28 -25.92
N VAL C 135 -12.38 20.65 -25.94
CA VAL C 135 -12.29 19.20 -26.06
C VAL C 135 -11.31 18.69 -25.00
N VAL C 136 -11.76 17.72 -24.22
CA VAL C 136 -10.94 17.10 -23.20
C VAL C 136 -10.75 15.64 -23.55
N LEU C 137 -9.50 15.20 -23.57
CA LEU C 137 -9.14 13.81 -23.80
C LEU C 137 -8.88 13.14 -22.45
N LEU C 138 -9.67 12.12 -22.14
CA LEU C 138 -9.52 11.33 -20.91
C LEU C 138 -8.63 10.16 -21.25
N ALA C 139 -7.33 10.31 -21.02
CA ALA C 139 -6.34 9.41 -21.59
C ALA C 139 -5.73 8.48 -20.55
N ASN C 140 -5.21 7.35 -21.03
CA ASN C 140 -4.22 6.64 -20.24
C ASN C 140 -2.83 7.17 -20.58
N HIS C 141 -1.92 6.97 -19.64
CA HIS C 141 -0.62 7.61 -19.63
C HIS C 141 0.39 6.51 -19.34
N GLN C 142 1.43 6.39 -20.16
CA GLN C 142 2.35 5.28 -19.96
C GLN C 142 3.81 5.71 -19.79
N THR C 143 4.23 6.81 -20.42
CA THR C 143 5.63 7.25 -20.34
C THR C 143 5.72 8.78 -20.26
N GLU C 144 6.92 9.22 -19.89
CA GLU C 144 7.29 10.63 -19.89
C GLU C 144 7.35 11.19 -21.30
N ALA C 145 7.44 10.31 -22.30
CA ALA C 145 7.49 10.71 -23.70
C ALA C 145 6.13 10.85 -24.34
N ASP C 146 5.05 10.54 -23.62
CA ASP C 146 3.71 10.61 -24.19
C ASP C 146 3.42 11.91 -24.93
N PRO C 147 3.76 13.09 -24.42
CA PRO C 147 3.52 14.30 -25.25
C PRO C 147 4.26 14.26 -26.58
N GLY C 148 5.38 13.55 -26.69
CA GLY C 148 6.05 13.46 -27.98
C GLY C 148 5.42 12.48 -28.94
N VAL C 149 4.99 11.33 -28.42
CA VAL C 149 4.23 10.36 -29.21
C VAL C 149 2.97 11.01 -29.76
N PHE C 150 2.22 11.68 -28.89
CA PHE C 150 1.00 12.38 -29.30
C PHE C 150 1.30 13.33 -30.45
N ALA C 151 2.28 14.23 -30.25
CA ALA C 151 2.58 15.23 -31.28
C ALA C 151 3.13 14.58 -32.55
N LEU C 152 4.02 13.60 -32.42
CA LEU C 152 4.65 13.00 -33.60
C LEU C 152 3.65 12.19 -34.42
N LEU C 153 2.71 11.51 -33.75
CA LEU C 153 1.74 10.69 -34.46
C LEU C 153 0.59 11.50 -35.08
N LEU C 154 0.37 12.74 -34.63
CA LEU C 154 -0.67 13.60 -35.18
C LEU C 154 -0.14 14.73 -36.06
N GLU C 155 1.16 14.99 -36.00
CA GLU C 155 1.83 16.06 -36.75
C GLU C 155 1.38 16.13 -38.20
N HIS C 156 1.43 14.99 -38.90
CA HIS C 156 1.22 15.01 -40.35
C HIS C 156 -0.21 15.33 -40.72
N THR C 157 -1.18 14.77 -39.99
CA THR C 157 -2.59 14.94 -40.33
C THR C 157 -3.26 16.11 -39.60
N HIS C 158 -2.87 16.40 -38.35
CA HIS C 158 -3.55 17.40 -37.53
C HIS C 158 -2.53 18.27 -36.82
N PRO C 159 -1.79 19.10 -37.56
CA PRO C 159 -0.67 19.82 -36.94
C PRO C 159 -1.09 20.72 -35.78
N ARG C 160 -2.29 21.32 -35.84
CA ARG C 160 -2.66 22.24 -34.77
C ARG C 160 -3.05 21.51 -33.50
N LEU C 161 -3.63 20.31 -33.61
CA LEU C 161 -3.87 19.49 -32.43
C LEU C 161 -2.55 19.07 -31.80
N ALA C 162 -1.60 18.64 -32.63
CA ALA C 162 -0.31 18.18 -32.14
C ALA C 162 0.39 19.24 -31.29
N THR C 163 0.34 20.50 -31.72
CA THR C 163 1.07 21.56 -31.03
C THR C 163 0.28 22.17 -29.86
N ASP C 164 -1.03 22.29 -30.00
CA ASP C 164 -1.82 23.15 -29.14
C ASP C 164 -2.51 22.40 -28.02
N VAL C 165 -2.38 21.07 -27.97
CA VAL C 165 -2.87 20.34 -26.82
C VAL C 165 -2.27 20.93 -25.54
N ILE C 166 -3.08 20.99 -24.50
CA ILE C 166 -2.66 21.46 -23.18
C ILE C 166 -2.76 20.29 -22.23
N TYR C 167 -1.63 19.88 -21.65
CA TYR C 167 -1.58 18.73 -20.75
C TYR C 167 -1.89 19.12 -19.30
N VAL C 168 -2.78 18.39 -18.66
CA VAL C 168 -2.99 18.50 -17.21
C VAL C 168 -1.92 17.65 -16.54
N ALA C 169 -0.89 18.29 -16.01
CA ALA C 169 0.25 17.56 -15.47
C ALA C 169 0.77 18.33 -14.27
N GLY C 170 1.62 17.67 -13.50
CA GLY C 170 2.17 18.30 -12.33
C GLY C 170 3.22 17.44 -11.67
N ASP C 171 3.50 17.77 -10.43
CA ASP C 171 4.42 16.99 -9.58
C ASP C 171 5.79 16.96 -10.28
N ARG C 172 6.42 15.79 -10.40
CA ARG C 172 7.82 15.73 -10.85
C ARG C 172 7.99 16.33 -12.24
N VAL C 173 6.97 16.20 -13.08
CA VAL C 173 6.98 16.74 -14.45
C VAL C 173 7.23 18.23 -14.47
N VAL C 174 6.93 18.95 -13.39
CA VAL C 174 7.26 20.38 -13.30
C VAL C 174 8.25 20.70 -12.19
N THR C 175 8.59 19.77 -11.31
CA THR C 175 9.50 20.10 -10.22
C THR C 175 10.91 19.55 -10.43
N ASP C 176 11.04 18.34 -10.97
CA ASP C 176 12.33 17.71 -11.19
C ASP C 176 13.12 18.40 -12.30
N PRO C 177 14.31 18.96 -12.01
CA PRO C 177 15.07 19.65 -13.06
C PRO C 177 15.38 18.81 -14.29
N LEU C 178 15.46 17.48 -14.15
CA LEU C 178 15.73 16.64 -15.31
C LEU C 178 14.50 16.36 -16.16
N CYS C 179 13.29 16.55 -15.63
CA CYS C 179 12.07 16.42 -16.42
C CYS C 179 11.57 17.74 -16.96
N LYS C 180 11.95 18.85 -16.35
CA LYS C 180 11.42 20.14 -16.78
C LYS C 180 11.69 20.48 -18.25
N PRO C 181 12.88 20.24 -18.81
CA PRO C 181 13.11 20.69 -20.19
C PRO C 181 12.13 20.10 -21.19
N PHE C 182 11.70 18.85 -21.00
CA PHE C 182 10.72 18.29 -21.91
C PHE C 182 9.38 19.00 -21.77
N SER C 183 8.92 19.18 -20.53
CA SER C 183 7.63 19.80 -20.28
C SER C 183 7.61 21.27 -20.68
N MET C 184 8.77 21.90 -20.76
CA MET C 184 8.82 23.30 -21.18
C MET C 184 8.45 23.43 -22.64
N GLY C 185 8.66 22.37 -23.42
CA GLY C 185 8.25 22.35 -24.81
C GLY C 185 6.79 22.10 -25.07
N ARG C 186 5.96 22.02 -24.04
CA ARG C 186 4.54 21.69 -24.15
C ARG C 186 3.69 22.80 -23.53
N ASN C 187 2.39 22.77 -23.83
CA ASN C 187 1.41 23.55 -23.08
C ASN C 187 0.91 22.71 -21.91
N LEU C 188 0.79 23.34 -20.74
CA LEU C 188 0.25 22.59 -19.63
C LEU C 188 -0.36 23.49 -18.57
N PHE C 189 -1.34 22.92 -17.89
CA PHE C 189 -1.87 23.42 -16.63
C PHE C 189 -1.18 22.65 -15.51
N CYS C 190 -0.54 23.38 -14.59
CA CYS C 190 0.13 22.73 -13.47
C CYS C 190 -0.89 22.39 -12.39
N VAL C 191 -1.23 21.11 -12.29
CA VAL C 191 -2.02 20.59 -11.19
C VAL C 191 -1.17 19.58 -10.44
N HIS C 192 -0.99 19.82 -9.15
CA HIS C 192 -0.33 18.86 -8.29
C HIS C 192 -1.35 17.89 -7.75
N SER C 193 -1.01 16.60 -7.78
CA SER C 193 -1.87 15.55 -7.25
C SER C 193 -2.15 15.74 -5.76
N LYS C 194 -3.40 15.45 -5.37
CA LYS C 194 -3.70 15.40 -3.94
C LYS C 194 -2.91 14.27 -3.27
N LYS C 195 -2.66 13.19 -3.99
CA LYS C 195 -1.68 12.15 -3.67
C LYS C 195 -0.47 12.65 -2.90
N ARG C 196 0.50 13.20 -3.63
CA ARG C 196 1.82 13.47 -3.08
C ARG C 196 1.99 14.91 -2.57
N LEU C 197 0.98 15.44 -1.86
CA LEU C 197 1.04 16.83 -1.46
C LEU C 197 2.00 17.10 -0.31
N ASP C 198 2.15 16.18 0.65
CA ASP C 198 2.90 16.46 1.87
C ASP C 198 4.24 15.73 1.94
N ASP C 199 4.88 15.48 0.80
CA ASP C 199 6.26 14.99 0.82
C ASP C 199 7.12 15.94 1.62
N ILE C 200 7.27 17.18 1.17
CA ILE C 200 8.01 18.16 1.96
C ILE C 200 7.00 19.15 2.51
N PRO C 201 6.65 19.04 3.79
CA PRO C 201 5.57 19.88 4.36
C PRO C 201 5.77 21.37 4.19
N GLU C 202 7.02 21.85 4.21
CA GLU C 202 7.28 23.24 3.85
C GLU C 202 6.65 23.58 2.51
N LEU C 203 6.85 22.71 1.51
CA LEU C 203 6.52 23.01 0.13
C LEU C 203 5.12 22.55 -0.28
N LYS C 204 4.28 22.14 0.67
CA LYS C 204 2.91 21.82 0.26
C LYS C 204 2.02 23.06 0.20
N ALA C 205 2.26 24.03 1.10
CA ALA C 205 1.54 25.29 1.04
C ALA C 205 1.68 25.95 -0.33
N SER C 206 2.82 25.75 -0.99
CA SER C 206 3.02 26.30 -2.33
C SER C 206 2.43 25.40 -3.42
N LYS C 207 2.30 24.09 -3.16
CA LYS C 207 1.63 23.22 -4.12
C LYS C 207 0.12 23.44 -4.12
N VAL C 208 -0.47 23.55 -2.92
CA VAL C 208 -1.89 23.84 -2.81
C VAL C 208 -2.21 25.21 -3.40
N ALA C 209 -1.29 26.18 -3.23
CA ALA C 209 -1.50 27.49 -3.82
C ALA C 209 -1.53 27.42 -5.34
N THR C 210 -0.60 26.66 -5.94
CA THR C 210 -0.59 26.50 -7.39
C THR C 210 -1.88 25.84 -7.88
N ASN C 211 -2.35 24.81 -7.17
CA ASN C 211 -3.60 24.16 -7.55
C ASN C 211 -4.78 25.11 -7.56
N ARG C 212 -4.73 26.15 -6.71
CA ARG C 212 -5.83 27.10 -6.67
C ARG C 212 -5.77 28.05 -7.85
N ARG C 213 -4.59 28.62 -8.12
CA ARG C 213 -4.47 29.54 -9.25
C ARG C 213 -4.70 28.84 -10.58
N THR C 214 -4.21 27.59 -10.69
CA THR C 214 -4.35 26.85 -11.95
C THR C 214 -5.81 26.58 -12.29
N LEU C 215 -6.61 26.23 -11.28
CA LEU C 215 -8.03 26.04 -11.53
C LEU C 215 -8.68 27.32 -12.06
N SER C 216 -8.28 28.48 -11.52
CA SER C 216 -8.79 29.75 -12.05
C SER C 216 -8.30 29.99 -13.48
N ALA C 217 -7.05 29.61 -13.75
CA ALA C 217 -6.53 29.72 -15.11
C ALA C 217 -7.30 28.80 -16.06
N MET C 218 -7.64 27.59 -15.61
CA MET C 218 -8.44 26.68 -16.43
C MET C 218 -9.84 27.23 -16.65
N THR C 219 -10.46 27.75 -15.58
CA THR C 219 -11.77 28.39 -15.71
C THR C 219 -11.72 29.50 -16.75
N LYS C 220 -10.76 30.41 -16.61
CA LYS C 220 -10.63 31.52 -17.56
C LYS C 220 -10.35 31.02 -18.97
N ALA C 221 -9.37 30.13 -19.12
CA ALA C 221 -9.01 29.64 -20.46
C ALA C 221 -10.16 28.88 -21.10
N LEU C 222 -10.88 28.05 -20.33
CA LEU C 222 -11.96 27.28 -20.92
C LEU C 222 -13.11 28.17 -21.37
N ASN C 223 -13.35 29.26 -20.64
CA ASN C 223 -14.39 30.20 -21.04
C ASN C 223 -14.13 30.79 -22.41
N GLU C 224 -12.87 31.03 -22.73
CA GLU C 224 -12.50 31.62 -24.02
C GLU C 224 -12.62 30.64 -25.19
N GLY C 225 -12.83 29.35 -24.93
CA GLY C 225 -13.05 28.39 -25.99
C GLY C 225 -11.79 28.03 -26.74
N GLY C 226 -11.93 27.07 -27.64
CA GLY C 226 -10.83 26.62 -28.46
C GLY C 226 -9.79 25.75 -27.78
N ARG C 227 -9.98 25.38 -26.53
CA ARG C 227 -8.98 24.63 -25.77
C ARG C 227 -9.10 23.14 -26.03
N LEU C 228 -7.95 22.49 -26.24
CA LEU C 228 -7.85 21.04 -26.34
C LEU C 228 -6.98 20.54 -25.20
N LEU C 229 -7.54 19.68 -24.36
CA LEU C 229 -6.93 19.29 -23.10
C LEU C 229 -6.69 17.78 -23.06
N TRP C 230 -5.51 17.39 -22.61
CA TRP C 230 -5.18 16.00 -22.32
C TRP C 230 -5.12 15.84 -20.81
N ILE C 231 -5.65 14.73 -20.29
CA ILE C 231 -5.56 14.46 -18.87
C ILE C 231 -5.54 12.95 -18.66
N ALA C 232 -4.79 12.51 -17.66
CA ALA C 232 -4.64 11.10 -17.30
C ALA C 232 -5.36 10.87 -15.97
N PRO C 233 -6.63 10.47 -15.98
CA PRO C 233 -7.39 10.41 -14.73
C PRO C 233 -6.92 9.36 -13.75
N SER C 234 -6.02 8.46 -14.15
CA SER C 234 -5.44 7.53 -13.19
C SER C 234 -4.52 8.23 -12.19
N GLY C 235 -4.04 9.43 -12.52
CA GLY C 235 -3.14 10.18 -11.66
C GLY C 235 -1.66 10.04 -11.99
N GLY C 236 -1.31 9.27 -13.02
CA GLY C 236 0.09 9.01 -13.30
C GLY C 236 0.24 8.00 -14.41
N ARG C 237 1.31 7.22 -14.32
CA ARG C 237 1.63 6.24 -15.34
C ARG C 237 1.08 4.89 -14.96
N ASP C 238 0.64 4.14 -15.97
CA ASP C 238 0.08 2.81 -15.74
C ASP C 238 1.12 1.91 -15.08
N ARG C 239 0.61 0.96 -14.28
CA ARG C 239 1.33 -0.15 -13.65
C ARG C 239 2.33 -0.75 -14.61
N PRO C 240 3.35 -1.45 -14.11
CA PRO C 240 4.23 -2.21 -15.00
C PRO C 240 3.44 -3.31 -15.68
N GLN C 241 3.93 -3.74 -16.83
CA GLN C 241 3.31 -4.83 -17.58
C GLN C 241 3.38 -6.14 -16.80
N ALA C 242 2.38 -6.99 -17.01
CA ALA C 242 2.32 -8.30 -16.38
C ALA C 242 3.04 -9.34 -17.22
N ASP C 243 3.78 -10.23 -16.54
CA ASP C 243 4.48 -11.30 -17.26
C ASP C 243 3.51 -12.32 -17.86
N THR C 244 2.36 -12.53 -17.24
CA THR C 244 1.31 -13.39 -17.78
C THR C 244 -0.05 -12.74 -17.50
N GLY C 245 -1.09 -13.36 -18.07
CA GLY C 245 -2.44 -12.84 -17.91
C GLY C 245 -2.67 -11.56 -18.69
N ALA C 246 -3.93 -11.22 -18.94
CA ALA C 246 -4.22 -10.02 -19.69
C ALA C 246 -4.00 -8.80 -18.81
N TRP C 247 -3.81 -7.65 -19.47
CA TRP C 247 -3.40 -6.42 -18.82
C TRP C 247 -4.22 -5.26 -19.34
N HIS C 248 -4.63 -4.36 -18.46
CA HIS C 248 -5.41 -3.19 -18.84
C HIS C 248 -4.87 -1.93 -18.17
N PRO C 249 -5.08 -0.76 -18.80
CA PRO C 249 -4.63 0.50 -18.20
C PRO C 249 -5.23 0.73 -16.82
N ASP C 250 -4.51 1.50 -15.99
CA ASP C 250 -4.97 1.83 -14.65
C ASP C 250 -6.35 2.47 -14.67
N LYS C 251 -7.12 2.19 -13.62
CA LYS C 251 -8.47 2.73 -13.48
C LYS C 251 -8.44 4.26 -13.44
N PHE C 252 -9.56 4.86 -13.87
CA PHE C 252 -9.76 6.29 -13.85
C PHE C 252 -10.34 6.73 -12.51
N ASP C 253 -9.74 7.72 -11.91
CA ASP C 253 -10.27 8.29 -10.66
C ASP C 253 -11.53 9.11 -10.96
N PRO C 254 -12.69 8.78 -10.39
CA PRO C 254 -13.90 9.57 -10.68
C PRO C 254 -13.76 11.04 -10.34
N THR C 255 -12.92 11.38 -9.36
CA THR C 255 -12.73 12.78 -9.00
C THR C 255 -12.08 13.58 -10.13
N ALA C 256 -11.14 12.98 -10.86
CA ALA C 256 -10.47 13.71 -11.94
C ALA C 256 -11.38 13.81 -13.15
N VAL C 257 -12.18 12.78 -13.44
CA VAL C 257 -13.13 12.89 -14.53
C VAL C 257 -14.23 13.90 -14.20
N GLU C 258 -14.61 13.99 -12.93
CA GLU C 258 -15.60 14.98 -12.53
C GLU C 258 -15.07 16.40 -12.70
N LEU C 259 -13.81 16.65 -12.33
CA LEU C 259 -13.24 17.98 -12.49
C LEU C 259 -13.35 18.44 -13.94
N MET C 260 -12.93 17.58 -14.88
CA MET C 260 -13.06 17.90 -16.31
C MET C 260 -14.52 18.09 -16.70
N ARG C 261 -15.41 17.19 -16.24
CA ARG C 261 -16.82 17.32 -16.59
C ARG C 261 -17.37 18.66 -16.12
N GLN C 262 -17.13 19.01 -14.86
CA GLN C 262 -17.68 20.25 -14.30
C GLN C 262 -17.12 21.47 -15.02
N LEU C 263 -15.79 21.56 -15.14
CA LEU C 263 -15.16 22.73 -15.77
C LEU C 263 -15.70 22.97 -17.18
N LEU C 264 -15.97 21.90 -17.92
CA LEU C 264 -16.62 22.07 -19.22
C LEU C 264 -18.04 22.59 -19.06
N SER C 265 -18.78 22.08 -18.07
CA SER C 265 -20.19 22.45 -17.89
C SER C 265 -20.36 23.94 -17.71
N ARG C 266 -19.67 24.51 -16.72
CA ARG C 266 -19.83 25.90 -16.33
C ARG C 266 -19.11 26.86 -17.24
N SER C 267 -18.54 26.37 -18.33
CA SER C 267 -17.89 27.23 -19.29
C SER C 267 -18.88 27.56 -20.39
N ALA C 268 -18.74 28.76 -20.94
CA ALA C 268 -19.66 29.21 -21.98
C ALA C 268 -19.61 28.35 -23.25
N PRO C 269 -18.45 27.97 -23.79
CA PRO C 269 -18.46 27.18 -25.03
C PRO C 269 -18.90 25.74 -24.79
N LYS C 270 -19.33 25.12 -25.88
CA LYS C 270 -19.65 23.70 -25.87
C LYS C 270 -18.40 22.87 -25.57
N GLY C 271 -18.56 21.84 -24.74
CA GLY C 271 -17.45 21.02 -24.34
C GLY C 271 -17.65 19.59 -24.74
N HIS C 272 -16.57 18.81 -24.81
CA HIS C 272 -16.65 17.43 -25.30
C HIS C 272 -15.65 16.57 -24.56
N LEU C 273 -16.09 15.40 -24.13
CA LEU C 273 -15.24 14.45 -23.42
C LEU C 273 -14.99 13.27 -24.33
N TYR C 274 -13.72 13.00 -24.62
CA TYR C 274 -13.38 11.86 -25.44
C TYR C 274 -12.47 10.91 -24.67
N PRO C 275 -12.82 9.63 -24.56
CA PRO C 275 -11.84 8.66 -24.09
C PRO C 275 -10.71 8.55 -25.11
N PHE C 276 -9.49 8.41 -24.61
CA PHE C 276 -8.29 8.51 -25.43
C PHE C 276 -7.32 7.43 -24.98
N ALA C 277 -6.95 6.54 -25.89
CA ALA C 277 -6.04 5.44 -25.57
C ALA C 277 -4.67 5.69 -26.18
N MET C 278 -3.63 5.32 -25.46
CA MET C 278 -2.29 5.49 -26.00
C MET C 278 -1.46 4.26 -25.65
N TYR C 279 -0.76 3.72 -26.64
CA TYR C 279 0.14 2.58 -26.45
C TYR C 279 1.58 3.10 -26.59
N SER C 280 2.26 3.30 -25.47
CA SER C 280 3.61 3.84 -25.55
C SER C 280 4.60 3.23 -24.56
N TRP C 281 4.18 2.29 -23.71
CA TRP C 281 5.02 1.86 -22.60
C TRP C 281 6.31 1.18 -23.07
N GLU C 282 6.32 0.61 -24.27
CA GLU C 282 7.53 -0.04 -24.76
C GLU C 282 8.65 0.96 -25.02
N LEU C 283 8.32 2.22 -25.26
CA LEU C 283 9.35 3.24 -25.46
C LEU C 283 10.17 3.46 -24.21
N MET C 284 9.51 3.55 -23.05
CA MET C 284 10.17 3.92 -21.79
C MET C 284 9.37 3.32 -20.65
N PRO C 285 9.53 2.03 -20.39
CA PRO C 285 8.91 1.43 -19.19
C PRO C 285 9.55 1.97 -17.93
N PRO C 286 8.78 2.58 -17.03
CA PRO C 286 9.30 3.06 -15.73
C PRO C 286 9.48 1.93 -14.71
N ARG C 297 15.92 6.49 -13.23
CA ARG C 297 16.41 5.49 -14.19
C ARG C 297 15.48 5.37 -15.40
N ARG C 298 16.04 5.52 -16.59
CA ARG C 298 15.24 5.65 -17.80
C ARG C 298 15.58 4.55 -18.79
N LEU C 299 14.83 3.44 -18.73
CA LEU C 299 14.92 2.48 -19.82
C LEU C 299 14.34 3.10 -21.07
N THR C 300 14.91 2.74 -22.22
CA THR C 300 14.49 3.28 -23.49
C THR C 300 14.58 2.19 -24.54
N HIS C 301 13.57 2.07 -25.39
CA HIS C 301 13.65 1.10 -26.47
C HIS C 301 13.12 1.72 -27.73
N PHE C 302 13.70 1.31 -28.86
CA PHE C 302 13.12 1.63 -30.17
C PHE C 302 11.92 0.72 -30.37
N ALA C 303 10.73 1.28 -30.33
CA ALA C 303 9.53 0.44 -30.22
C ALA C 303 8.35 1.06 -30.95
N GLY C 304 7.40 0.19 -31.29
CA GLY C 304 6.16 0.66 -31.88
C GLY C 304 5.26 1.35 -30.88
N THR C 305 4.36 2.17 -31.39
CA THR C 305 3.56 3.03 -30.54
C THR C 305 2.24 3.29 -31.23
N GLY C 306 1.26 3.78 -30.48
CA GLY C 306 0.00 4.12 -31.12
C GLY C 306 -0.89 4.98 -30.27
N ILE C 307 -1.77 5.73 -30.93
CA ILE C 307 -2.84 6.48 -30.25
C ILE C 307 -4.15 6.27 -30.98
N SER C 308 -5.25 6.48 -30.26
CA SER C 308 -6.57 6.31 -30.85
C SER C 308 -7.61 6.95 -29.93
N VAL C 309 -8.48 7.78 -30.50
CA VAL C 309 -9.54 8.44 -29.74
C VAL C 309 -10.86 7.71 -29.92
N CYS C 310 -11.60 7.51 -28.82
CA CYS C 310 -12.88 6.83 -28.89
C CYS C 310 -14.04 7.82 -29.04
N LYS C 311 -15.24 7.26 -29.27
CA LYS C 311 -16.42 8.08 -29.43
C LYS C 311 -16.62 9.01 -28.25
N GLU C 312 -17.15 10.20 -28.52
CA GLU C 312 -17.35 11.19 -27.49
C GLU C 312 -18.39 10.71 -26.47
N LEU C 313 -18.08 10.90 -25.18
CA LEU C 313 -18.99 10.48 -24.12
C LEU C 313 -20.27 11.32 -24.14
N ASP C 314 -21.41 10.65 -24.18
CA ASP C 314 -22.72 11.30 -24.03
C ASP C 314 -23.04 11.27 -22.54
N VAL C 315 -22.61 12.30 -21.82
CA VAL C 315 -22.66 12.27 -20.35
C VAL C 315 -24.06 11.96 -19.87
N ASP C 316 -25.06 12.69 -20.39
CA ASP C 316 -26.42 12.55 -19.87
C ASP C 316 -26.92 11.13 -19.99
N SER C 317 -26.72 10.49 -21.14
CA SER C 317 -27.23 9.14 -21.28
C SER C 317 -26.43 8.12 -20.46
N ILE C 318 -25.17 8.42 -20.11
CA ILE C 318 -24.35 7.48 -19.34
C ILE C 318 -24.74 7.47 -17.86
N VAL C 319 -25.02 8.64 -17.29
CA VAL C 319 -25.24 8.76 -15.85
C VAL C 319 -26.70 8.98 -15.49
N SER C 320 -27.61 9.01 -16.48
CA SER C 320 -29.00 9.39 -16.24
C SER C 320 -29.74 8.39 -15.35
N SER C 321 -29.35 7.12 -15.38
CA SER C 321 -30.06 6.13 -14.57
C SER C 321 -29.85 6.38 -13.09
N ALA C 322 -28.73 6.98 -12.71
CA ALA C 322 -28.49 7.34 -11.33
C ALA C 322 -29.24 8.62 -10.98
N ALA C 323 -29.81 8.65 -9.78
CA ALA C 323 -30.48 9.85 -9.30
C ALA C 323 -29.47 11.00 -9.22
N VAL C 324 -29.97 12.21 -9.50
CA VAL C 324 -29.13 13.40 -9.53
C VAL C 324 -28.44 13.70 -8.20
N GLU C 325 -28.89 13.09 -7.10
CA GLU C 325 -28.27 13.29 -5.81
C GLU C 325 -27.31 12.17 -5.40
N ASP C 326 -27.26 11.07 -6.14
CA ASP C 326 -26.22 10.05 -5.92
C ASP C 326 -25.02 10.44 -6.78
N LYS C 327 -24.28 11.44 -6.30
CA LYS C 327 -23.10 11.92 -7.04
C LYS C 327 -22.00 10.87 -7.08
N ALA C 328 -21.80 10.13 -6.00
CA ALA C 328 -20.81 9.05 -6.05
C ALA C 328 -21.10 8.09 -7.21
N THR C 329 -22.37 7.70 -7.39
CA THR C 329 -22.71 6.78 -8.49
C THR C 329 -22.56 7.46 -9.84
N ARG C 330 -22.99 8.71 -9.94
CA ARG C 330 -22.89 9.44 -11.21
C ARG C 330 -21.44 9.61 -11.64
N GLN C 331 -20.58 10.06 -10.73
CA GLN C 331 -19.20 10.26 -11.09
C GLN C 331 -18.50 8.94 -11.36
N GLN C 332 -18.90 7.87 -10.67
CA GLN C 332 -18.28 6.57 -10.93
C GLN C 332 -18.67 6.03 -12.30
N LEU C 333 -19.90 6.33 -12.75
CA LEU C 333 -20.39 5.76 -14.00
C LEU C 333 -19.76 6.46 -15.20
N LEU C 334 -19.62 7.79 -15.11
CA LEU C 334 -18.91 8.51 -16.16
C LEU C 334 -17.45 8.06 -16.27
N ALA C 335 -16.78 7.83 -15.13
CA ALA C 335 -15.37 7.45 -15.16
C ALA C 335 -15.18 6.01 -15.63
N THR C 336 -16.13 5.13 -15.31
CA THR C 336 -16.01 3.73 -15.72
C THR C 336 -16.27 3.59 -17.22
N ALA C 337 -17.22 4.35 -17.74
CA ALA C 337 -17.49 4.30 -19.18
C ALA C 337 -16.30 4.84 -19.95
N ALA C 338 -15.65 5.89 -19.44
CA ALA C 338 -14.44 6.38 -20.08
C ALA C 338 -13.32 5.33 -19.99
N TRP C 339 -13.13 4.74 -18.81
CA TRP C 339 -12.06 3.77 -18.66
C TRP C 339 -12.29 2.57 -19.54
N GLN C 340 -13.51 2.01 -19.50
CA GLN C 340 -13.82 0.81 -20.29
C GLN C 340 -13.57 1.06 -21.78
N ALA C 341 -13.98 2.23 -22.28
CA ALA C 341 -13.74 2.54 -23.69
C ALA C 341 -12.24 2.63 -23.99
N VAL C 342 -11.48 3.33 -23.13
CA VAL C 342 -10.02 3.40 -23.32
C VAL C 342 -9.41 2.02 -23.23
N SER C 343 -9.92 1.19 -22.31
CA SER C 343 -9.36 -0.14 -22.11
C SER C 343 -9.59 -1.01 -23.33
N ASP C 344 -10.78 -0.95 -23.91
CA ASP C 344 -11.13 -1.77 -25.06
C ASP C 344 -10.35 -1.32 -26.29
N GLU C 345 -10.22 -0.01 -26.48
CA GLU C 345 -9.43 0.48 -27.60
C GLU C 345 -7.96 0.13 -27.41
N TYR C 346 -7.48 0.17 -26.17
CA TYR C 346 -6.05 -0.05 -25.90
C TYR C 346 -5.66 -1.48 -26.26
N ALA C 347 -6.52 -2.45 -25.97
CA ALA C 347 -6.25 -3.82 -26.37
C ALA C 347 -6.24 -3.98 -27.89
N ILE C 348 -6.92 -3.10 -28.62
CA ILE C 348 -6.85 -3.15 -30.06
C ILE C 348 -5.54 -2.54 -30.56
N LEU C 349 -5.06 -1.47 -29.91
CA LEU C 349 -3.78 -0.88 -30.32
C LEU C 349 -2.63 -1.81 -29.99
N GLU C 350 -2.72 -2.52 -28.87
CA GLU C 350 -1.71 -3.51 -28.53
C GLU C 350 -1.63 -4.62 -29.57
N GLU C 351 -2.78 -5.02 -30.10
CA GLU C 351 -2.83 -6.09 -31.08
C GLU C 351 -2.20 -5.66 -32.42
N VAL C 352 -2.54 -4.46 -32.91
CA VAL C 352 -2.02 -4.01 -34.20
C VAL C 352 -0.51 -3.73 -34.14
N ILE C 353 -0.01 -3.30 -32.99
CA ILE C 353 1.39 -2.87 -32.93
C ILE C 353 2.31 -4.06 -32.77
N GLY C 354 1.82 -5.15 -32.17
CA GLY C 354 2.63 -6.34 -32.01
C GLY C 354 2.60 -7.31 -33.18
N SER C 355 1.73 -7.06 -34.16
CA SER C 355 1.53 -7.95 -35.28
C SER C 355 1.31 -7.12 -36.53
N GLU C 356 2.23 -7.24 -37.51
CA GLU C 356 2.01 -6.57 -38.78
C GLU C 356 0.81 -7.14 -39.53
N ASP C 357 0.54 -8.43 -39.35
CA ASP C 357 -0.66 -9.03 -39.93
C ASP C 357 -1.92 -8.28 -39.50
N ALA C 358 -2.09 -8.10 -38.18
CA ALA C 358 -3.20 -7.31 -37.65
C ALA C 358 -3.16 -5.88 -38.18
N ARG C 359 -1.98 -5.26 -38.14
CA ARG C 359 -1.81 -3.92 -38.67
C ARG C 359 -2.31 -3.83 -40.11
N ARG C 360 -1.97 -4.83 -40.93
CA ARG C 360 -2.42 -4.84 -42.32
C ARG C 360 -3.94 -4.94 -42.40
N GLN C 361 -4.53 -5.86 -41.64
CA GLN C 361 -5.97 -6.06 -41.71
C GLN C 361 -6.75 -4.79 -41.40
N ARG C 362 -6.37 -4.06 -40.33
CA ARG C 362 -7.17 -2.94 -39.85
C ARG C 362 -6.72 -1.60 -40.41
N SER C 363 -6.00 -1.63 -41.54
CA SER C 363 -5.36 -0.43 -42.08
C SER C 363 -6.31 0.70 -42.40
N ASP C 364 -7.62 0.47 -42.39
CA ASP C 364 -8.56 1.54 -42.73
C ASP C 364 -8.94 2.38 -41.51
N VAL C 365 -8.79 1.83 -40.32
CA VAL C 365 -9.03 2.54 -39.07
C VAL C 365 -7.73 3.04 -38.44
N TYR C 366 -6.74 2.15 -38.35
CA TYR C 366 -5.44 2.45 -37.75
C TYR C 366 -4.44 2.64 -38.88
N GLN C 367 -4.08 3.88 -39.12
CA GLN C 367 -3.35 4.32 -40.31
C GLN C 367 -1.92 4.73 -39.96
N GLN C 368 -1.14 4.96 -41.02
CA GLN C 368 0.24 5.45 -40.92
C GLN C 368 0.38 6.65 -41.84
N PRO C 369 -0.15 7.81 -41.43
CA PRO C 369 -0.10 8.99 -42.31
C PRO C 369 1.29 9.42 -42.76
N TRP C 370 2.33 9.09 -41.99
CA TRP C 370 3.70 9.49 -42.31
C TRP C 370 4.25 8.72 -43.50
N ALA C 371 3.62 7.60 -43.89
CA ALA C 371 4.12 6.72 -44.94
C ALA C 371 3.15 6.55 -46.11
#